data_7H93
#
_entry.id   7H93
#
_cell.length_a   87.529
_cell.length_b   87.529
_cell.length_c   85.691
_cell.angle_alpha   90.00
_cell.angle_beta   90.00
_cell.angle_gamma   120.00
#
_symmetry.space_group_name_H-M   'P 31'
#
loop_
_entity.id
_entity.type
_entity.pdbx_description
1 polymer 'Non-structural protein 3'
2 non-polymer 'DIMETHYL SULFOXIDE'
3 non-polymer 2-AMINO-2-HYDROXYMETHYL-PROPANE-1,3-DIOL
4 non-polymer 'CHLORIDE ION'
5 non-polymer URACIL
6 water water
#
_entity_poly.entity_id   1
_entity_poly.type   'polypeptide(L)'
_entity_poly.pdbx_seq_one_letter_code
;GAMAPSYRVKRMDIAKNDEECVVNAANPRGLPGDGVCKAVYKKWPESFKNSATPVGTAKTVMCGTYPVIHAVGPNFSNYT
ESEGDRELAAAYREVAKEVTRLGVNSVAIPLLSTGVYSGGKDRLTQSLNHLFTAMDSTDADVVIYCRDKEWEKKISEAIQ
MRT
;
_entity_poly.pdbx_strand_id   A,B,C,D
#
loop_
_chem_comp.id
_chem_comp.type
_chem_comp.name
_chem_comp.formula
CL non-polymer 'CHLORIDE ION' 'Cl -1'
DMS non-polymer 'DIMETHYL SULFOXIDE' 'C2 H6 O S'
TRS non-polymer 2-AMINO-2-HYDROXYMETHYL-PROPANE-1,3-DIOL 'C4 H12 N O3 1'
URA non-polymer URACIL 'C4 H4 N2 O2'
#
# COMPACT_ATOMS: atom_id res chain seq x y z
N GLY A 1 -3.08 20.58 -12.91
CA GLY A 1 -2.94 20.26 -14.38
C GLY A 1 -1.53 19.87 -14.73
N ALA A 2 -1.32 19.17 -15.87
CA ALA A 2 0.02 18.90 -16.40
C ALA A 2 0.55 20.16 -17.07
N MET A 3 1.88 20.34 -17.05
CA MET A 3 2.56 21.54 -17.63
C MET A 3 2.26 21.65 -19.13
N ALA A 4 2.26 20.53 -19.84
CA ALA A 4 2.01 20.49 -21.31
C ALA A 4 1.16 19.26 -21.57
N PRO A 5 -0.14 19.34 -21.26
CA PRO A 5 -1.01 18.16 -21.34
C PRO A 5 -0.82 17.37 -22.65
N SER A 6 -0.69 16.04 -22.57
CA SER A 6 -0.32 15.18 -23.71
C SER A 6 -1.22 13.95 -23.75
N TYR A 7 -1.20 13.27 -24.90
CA TYR A 7 -1.68 11.89 -25.06
C TYR A 7 -0.52 10.97 -25.37
N ARG A 8 -0.49 9.79 -24.74
CA ARG A 8 0.49 8.74 -25.04
C ARG A 8 -0.25 7.41 -25.10
N VAL A 9 0.40 6.40 -25.68
CA VAL A 9 -0.15 5.03 -25.68
C VAL A 9 0.93 4.08 -25.23
N LYS A 10 0.57 3.12 -24.40
CA LYS A 10 1.48 2.03 -24.01
C LYS A 10 0.82 0.68 -24.21
N ARG A 11 1.63 -0.29 -24.62
CA ARG A 11 1.16 -1.69 -24.79
C ARG A 11 1.60 -2.51 -23.58
N MET A 12 0.73 -2.55 -22.57
CA MET A 12 1.00 -3.27 -21.31
C MET A 12 -0.28 -3.30 -20.49
N ASP A 13 -0.23 -4.06 -19.42
CA ASP A 13 -1.32 -4.20 -18.43
C ASP A 13 -1.54 -2.87 -17.70
N ILE A 14 -2.75 -2.33 -17.81
CA ILE A 14 -3.17 -1.06 -17.13
C ILE A 14 -3.05 -1.19 -15.59
N ALA A 15 -3.10 -2.41 -15.03
CA ALA A 15 -2.86 -2.62 -13.57
C ALA A 15 -1.43 -2.23 -13.12
N LYS A 16 -0.48 -2.05 -14.05
CA LYS A 16 0.91 -1.63 -13.78
C LYS A 16 1.15 -0.18 -14.25
N ASN A 17 0.10 0.65 -14.38
CA ASN A 17 0.23 2.04 -14.87
C ASN A 17 1.11 2.89 -13.96
N ASP A 18 1.64 3.97 -14.53
CA ASP A 18 2.47 4.97 -13.84
C ASP A 18 1.72 6.29 -13.74
N GLU A 19 0.38 6.26 -13.65
CA GLU A 19 -0.45 7.47 -13.58
C GLU A 19 -1.09 7.67 -12.19
N GLU A 20 -1.69 8.83 -11.96
CA GLU A 20 -2.24 9.20 -10.62
C GLU A 20 -3.62 8.58 -10.37
N CYS A 21 -4.25 8.00 -11.38
CA CYS A 21 -5.54 7.30 -11.25
C CYS A 21 -5.75 6.42 -12.49
N VAL A 22 -6.68 5.49 -12.38
CA VAL A 22 -6.98 4.47 -13.43
C VAL A 22 -8.46 4.50 -13.75
N VAL A 23 -8.78 4.31 -15.03
CA VAL A 23 -10.17 4.06 -15.49
C VAL A 23 -10.31 2.54 -15.68
N ASN A 24 -11.28 1.96 -15.00
CA ASN A 24 -11.68 0.55 -15.19
C ASN A 24 -12.71 0.48 -16.32
N ALA A 25 -12.55 -0.49 -17.21
CA ALA A 25 -13.60 -0.87 -18.18
C ALA A 25 -14.57 -1.81 -17.46
N ALA A 26 -15.44 -1.22 -16.65
CA ALA A 26 -16.28 -1.91 -15.67
C ALA A 26 -17.51 -2.56 -16.32
N ASN A 27 -18.12 -3.45 -15.56
CA ASN A 27 -19.51 -3.87 -15.85
C ASN A 27 -20.47 -3.13 -14.95
N PRO A 28 -21.77 -3.07 -15.29
CA PRO A 28 -22.70 -2.27 -14.50
C PRO A 28 -22.92 -2.76 -13.05
N ARG A 29 -22.56 -4.01 -12.77
CA ARG A 29 -22.89 -4.67 -11.49
C ARG A 29 -21.75 -4.62 -10.50
N GLY A 30 -20.63 -4.01 -10.87
CA GLY A 30 -19.46 -4.03 -9.99
C GLY A 30 -18.90 -5.41 -9.76
N LEU A 31 -19.02 -6.34 -10.73
CA LEU A 31 -18.47 -7.72 -10.61
C LEU A 31 -17.03 -7.73 -11.07
N PRO A 32 -16.21 -8.68 -10.57
CA PRO A 32 -14.82 -8.81 -11.01
C PRO A 32 -14.68 -8.93 -12.53
N GLY A 33 -15.60 -9.61 -13.20
CA GLY A 33 -15.65 -9.60 -14.68
C GLY A 33 -14.47 -10.27 -15.34
N ASP A 34 -14.11 -9.85 -16.56
CA ASP A 34 -13.00 -10.42 -17.35
C ASP A 34 -12.15 -9.32 -17.96
N GLY A 35 -11.02 -9.67 -18.55
CA GLY A 35 -10.16 -8.72 -19.28
C GLY A 35 -9.61 -7.63 -18.35
N VAL A 36 -9.64 -6.37 -18.79
CA VAL A 36 -9.16 -5.20 -17.99
C VAL A 36 -9.84 -5.24 -16.62
N CYS A 37 -11.14 -5.52 -16.55
CA CYS A 37 -11.90 -5.42 -15.29
C CYS A 37 -11.31 -6.41 -14.28
N LYS A 38 -10.98 -7.62 -14.73
CA LYS A 38 -10.43 -8.66 -13.79
C LYS A 38 -9.03 -8.23 -13.29
N ALA A 39 -8.22 -7.63 -14.17
CA ALA A 39 -6.85 -7.16 -13.80
C ALA A 39 -7.01 -6.08 -12.74
N VAL A 40 -8.00 -5.20 -12.96
CA VAL A 40 -8.28 -4.07 -12.02
C VAL A 40 -8.77 -4.68 -10.70
N TYR A 41 -9.64 -5.70 -10.73
CA TYR A 41 -10.13 -6.33 -9.48
C TYR A 41 -8.98 -6.95 -8.66
N LYS A 42 -8.04 -7.62 -9.33
CA LYS A 42 -6.86 -8.26 -8.69
C LYS A 42 -6.01 -7.19 -7.98
N LYS A 43 -5.81 -6.06 -8.67
CA LYS A 43 -4.85 -5.00 -8.22
C LYS A 43 -5.49 -4.11 -7.14
N TRP A 44 -6.75 -3.76 -7.28
CA TRP A 44 -7.47 -2.78 -6.46
C TRP A 44 -8.81 -3.32 -6.03
N PRO A 45 -8.89 -4.50 -5.37
CA PRO A 45 -10.19 -5.10 -5.06
C PRO A 45 -11.05 -4.25 -4.12
N GLU A 46 -10.43 -3.45 -3.25
CA GLU A 46 -11.13 -2.51 -2.34
C GLU A 46 -12.00 -1.52 -3.12
N SER A 47 -11.62 -1.20 -4.37
CA SER A 47 -12.31 -0.19 -5.19
C SER A 47 -13.63 -0.73 -5.69
N PHE A 48 -13.97 -2.01 -5.45
CA PHE A 48 -15.25 -2.57 -5.94
C PHE A 48 -16.34 -2.52 -4.87
N LYS A 49 -16.08 -1.87 -3.73
CA LYS A 49 -17.16 -1.58 -2.75
C LYS A 49 -18.16 -0.58 -3.33
N ASN A 50 -19.40 -1.00 -3.59
CA ASN A 50 -20.46 -0.09 -4.11
C ASN A 50 -19.97 0.61 -5.39
N SER A 51 -19.33 -0.14 -6.27
CA SER A 51 -18.92 0.39 -7.60
C SER A 51 -20.01 0.20 -8.69
N ALA A 52 -21.07 -0.58 -8.48
CA ALA A 52 -22.14 -0.77 -9.47
C ALA A 52 -22.69 0.58 -9.91
N THR A 53 -22.90 0.76 -11.21
CA THR A 53 -23.34 2.05 -11.82
C THR A 53 -23.88 1.75 -13.21
N PRO A 54 -24.85 2.53 -13.73
CA PRO A 54 -25.46 2.19 -15.01
C PRO A 54 -24.55 2.37 -16.22
N VAL A 55 -25.00 1.82 -17.34
CA VAL A 55 -24.30 2.03 -18.63
C VAL A 55 -24.26 3.54 -18.92
N GLY A 56 -23.11 3.99 -19.44
CA GLY A 56 -22.98 5.40 -19.87
C GLY A 56 -22.52 6.29 -18.74
N THR A 57 -22.22 5.75 -17.57
CA THR A 57 -21.79 6.51 -16.37
C THR A 57 -20.43 6.07 -15.88
N ALA A 58 -19.87 6.88 -14.95
CA ALA A 58 -18.63 6.54 -14.27
C ALA A 58 -18.82 6.79 -12.79
N LYS A 59 -18.26 5.93 -11.99
CA LYS A 59 -18.34 6.02 -10.51
C LYS A 59 -16.93 5.77 -9.99
N THR A 60 -16.40 6.72 -9.19
CA THR A 60 -15.04 6.59 -8.62
C THR A 60 -15.12 6.02 -7.21
N VAL A 61 -14.27 5.07 -6.90
CA VAL A 61 -14.08 4.47 -5.55
C VAL A 61 -12.59 4.46 -5.29
N MET A 62 -12.19 4.93 -4.11
N MET A 62 -12.21 4.94 -4.11
CA MET A 62 -10.78 5.03 -3.69
CA MET A 62 -10.80 4.98 -3.68
C MET A 62 -10.27 3.66 -3.22
C MET A 62 -10.32 3.57 -3.31
N CYS A 63 -9.06 3.28 -3.62
CA CYS A 63 -8.33 2.12 -3.07
C CYS A 63 -7.19 2.75 -2.29
N GLY A 64 -7.31 2.89 -0.96
CA GLY A 64 -6.38 3.77 -0.23
C GLY A 64 -6.63 5.20 -0.61
N THR A 65 -5.64 5.89 -1.16
CA THR A 65 -5.83 7.22 -1.76
C THR A 65 -5.74 7.17 -3.28
N TYR A 66 -5.72 5.99 -3.88
CA TYR A 66 -5.59 5.86 -5.36
C TYR A 66 -6.98 5.74 -5.97
N PRO A 67 -7.42 6.68 -6.84
CA PRO A 67 -8.77 6.62 -7.39
C PRO A 67 -8.91 5.63 -8.57
N VAL A 68 -9.97 4.81 -8.49
CA VAL A 68 -10.40 3.90 -9.57
C VAL A 68 -11.72 4.43 -10.09
N ILE A 69 -11.73 4.88 -11.35
CA ILE A 69 -12.92 5.46 -12.01
C ILE A 69 -13.55 4.28 -12.79
N HIS A 70 -14.65 3.75 -12.30
CA HIS A 70 -15.38 2.64 -12.95
C HIS A 70 -16.24 3.21 -14.06
N ALA A 71 -15.85 3.02 -15.31
CA ALA A 71 -16.56 3.58 -16.50
C ALA A 71 -17.27 2.43 -17.23
N VAL A 72 -18.59 2.54 -17.35
CA VAL A 72 -19.41 1.44 -17.93
C VAL A 72 -19.81 1.77 -19.38
N GLY A 73 -19.08 1.20 -20.32
CA GLY A 73 -19.35 1.27 -21.74
C GLY A 73 -20.48 0.29 -22.05
N PRO A 74 -21.22 0.54 -23.14
CA PRO A 74 -22.25 -0.38 -23.61
C PRO A 74 -21.68 -1.69 -24.17
N ASN A 75 -22.44 -2.79 -23.96
CA ASN A 75 -22.12 -4.07 -24.63
C ASN A 75 -22.86 -4.05 -25.98
N PHE A 76 -22.15 -3.96 -27.08
CA PHE A 76 -22.74 -3.81 -28.44
C PHE A 76 -23.44 -5.13 -28.84
N SER A 77 -23.26 -6.21 -28.10
CA SER A 77 -24.14 -7.41 -28.25
C SER A 77 -25.60 -7.05 -27.94
N ASN A 78 -25.85 -6.10 -27.04
CA ASN A 78 -27.21 -5.81 -26.50
C ASN A 78 -27.79 -4.55 -27.09
N TYR A 79 -26.96 -3.53 -27.37
CA TYR A 79 -27.38 -2.19 -27.85
C TYR A 79 -27.38 -2.21 -29.39
N THR A 80 -28.25 -1.40 -29.98
CA THR A 80 -28.17 -1.04 -31.42
C THR A 80 -26.88 -0.24 -31.63
N GLU A 81 -26.36 -0.22 -32.86
CA GLU A 81 -25.18 0.65 -33.18
C GLU A 81 -25.44 2.09 -32.72
N SER A 82 -26.62 2.65 -33.00
CA SER A 82 -26.96 4.07 -32.69
C SER A 82 -26.97 4.30 -31.17
N GLU A 83 -27.69 3.47 -30.42
CA GLU A 83 -27.81 3.68 -28.96
C GLU A 83 -26.47 3.41 -28.28
N GLY A 84 -25.78 2.41 -28.76
CA GLY A 84 -24.47 2.01 -28.23
C GLY A 84 -23.51 3.16 -28.42
N ASP A 85 -23.54 3.76 -29.61
CA ASP A 85 -22.63 4.89 -29.88
C ASP A 85 -22.87 6.03 -28.90
N ARG A 86 -24.14 6.36 -28.61
CA ARG A 86 -24.55 7.43 -27.67
C ARG A 86 -24.04 7.11 -26.26
N GLU A 87 -24.22 5.87 -25.81
CA GLU A 87 -23.82 5.49 -24.43
C GLU A 87 -22.29 5.50 -24.33
N LEU A 88 -21.57 5.14 -25.39
CA LEU A 88 -20.09 5.04 -25.36
C LEU A 88 -19.51 6.46 -25.24
N ALA A 89 -20.04 7.38 -26.02
CA ALA A 89 -19.67 8.80 -25.89
C ALA A 89 -20.01 9.32 -24.48
N ALA A 90 -21.16 8.97 -23.92
CA ALA A 90 -21.55 9.45 -22.57
C ALA A 90 -20.58 8.91 -21.52
N ALA A 91 -20.24 7.62 -21.54
CA ALA A 91 -19.31 7.05 -20.53
C ALA A 91 -18.02 7.89 -20.49
N TYR A 92 -17.46 8.20 -21.65
CA TYR A 92 -16.22 9.02 -21.70
C TYR A 92 -16.48 10.43 -21.16
N ARG A 93 -17.62 11.07 -21.46
CA ARG A 93 -17.88 12.42 -20.88
C ARG A 93 -17.89 12.33 -19.35
N GLU A 94 -18.45 11.25 -18.75
CA GLU A 94 -18.47 11.12 -17.28
C GLU A 94 -17.04 10.87 -16.78
N VAL A 95 -16.18 10.18 -17.52
CA VAL A 95 -14.77 10.03 -17.11
C VAL A 95 -14.12 11.40 -17.04
N ALA A 96 -14.29 12.24 -18.06
CA ALA A 96 -13.67 13.59 -18.06
C ALA A 96 -14.12 14.38 -16.81
N LYS A 97 -15.39 14.31 -16.44
CA LYS A 97 -15.91 15.01 -15.22
C LYS A 97 -15.19 14.48 -13.98
N GLU A 98 -15.03 13.16 -13.87
CA GLU A 98 -14.38 12.59 -12.68
C GLU A 98 -12.91 12.97 -12.60
N VAL A 99 -12.19 12.89 -13.72
CA VAL A 99 -10.76 13.20 -13.78
C VAL A 99 -10.61 14.68 -13.33
N THR A 100 -11.51 15.53 -13.80
CA THR A 100 -11.47 16.99 -13.46
C THR A 100 -11.72 17.15 -11.97
N ARG A 101 -12.74 16.52 -11.44
CA ARG A 101 -13.15 16.64 -10.03
C ARG A 101 -12.01 16.19 -9.10
N LEU A 102 -11.29 15.12 -9.45
CA LEU A 102 -10.24 14.51 -8.63
C LEU A 102 -9.01 15.44 -8.59
N GLY A 103 -8.82 16.30 -9.58
CA GLY A 103 -7.66 17.23 -9.62
C GLY A 103 -6.36 16.51 -9.93
N VAL A 104 -6.40 15.29 -10.50
CA VAL A 104 -5.19 14.53 -10.87
C VAL A 104 -4.47 15.23 -12.03
N ASN A 105 -3.18 14.99 -12.15
CA ASN A 105 -2.39 15.49 -13.29
C ASN A 105 -2.21 14.41 -14.36
N SER A 106 -2.67 13.19 -14.12
CA SER A 106 -2.48 12.09 -15.10
C SER A 106 -3.54 11.03 -14.83
N VAL A 107 -3.88 10.27 -15.87
CA VAL A 107 -4.91 9.22 -15.84
C VAL A 107 -4.53 8.13 -16.85
N ALA A 108 -4.65 6.87 -16.43
CA ALA A 108 -4.48 5.66 -17.27
C ALA A 108 -5.89 5.24 -17.75
N ILE A 109 -6.08 5.05 -19.06
N ILE A 109 -6.09 5.11 -19.07
CA ILE A 109 -7.44 4.77 -19.61
CA ILE A 109 -7.42 4.84 -19.69
C ILE A 109 -7.38 3.71 -20.70
C ILE A 109 -7.31 3.66 -20.64
N PRO A 110 -8.26 2.69 -20.62
CA PRO A 110 -8.41 1.71 -21.69
C PRO A 110 -9.42 2.20 -22.73
N LEU A 111 -9.45 1.58 -23.93
CA LEU A 111 -10.50 1.93 -24.93
C LEU A 111 -11.80 1.16 -24.58
N LEU A 112 -12.80 1.88 -24.06
CA LEU A 112 -14.08 1.26 -23.64
C LEU A 112 -14.76 0.59 -24.84
N SER A 113 -15.45 -0.52 -24.54
CA SER A 113 -16.31 -1.28 -25.50
C SER A 113 -15.50 -1.82 -26.69
N THR A 114 -14.19 -2.06 -26.56
CA THR A 114 -13.36 -2.62 -27.66
C THR A 114 -13.02 -4.11 -27.46
N GLY A 115 -13.32 -4.69 -26.30
CA GLY A 115 -12.98 -6.09 -25.95
C GLY A 115 -14.24 -6.95 -25.98
N VAL A 116 -14.60 -7.55 -24.84
CA VAL A 116 -15.78 -8.46 -24.74
C VAL A 116 -17.09 -7.69 -24.97
N TYR A 117 -17.12 -6.35 -24.93
CA TYR A 117 -18.33 -5.52 -25.20
C TYR A 117 -18.36 -4.99 -26.64
N SER A 118 -17.47 -5.41 -27.54
CA SER A 118 -17.38 -4.88 -28.92
C SER A 118 -18.45 -5.46 -29.85
N GLY A 119 -19.18 -6.50 -29.42
CA GLY A 119 -20.13 -7.21 -30.31
C GLY A 119 -19.42 -7.76 -31.55
N GLY A 120 -18.14 -8.16 -31.36
CA GLY A 120 -17.27 -8.80 -32.37
C GLY A 120 -16.81 -7.89 -33.49
N LYS A 121 -16.87 -6.56 -33.30
CA LYS A 121 -16.46 -5.56 -34.31
C LYS A 121 -15.20 -4.82 -33.82
N ASP A 122 -14.42 -4.31 -34.76
CA ASP A 122 -13.24 -3.46 -34.48
C ASP A 122 -13.78 -2.05 -34.24
N ARG A 123 -13.64 -1.56 -33.00
CA ARG A 123 -14.16 -0.24 -32.60
C ARG A 123 -13.01 0.65 -32.10
N LEU A 124 -11.77 0.38 -32.54
CA LEU A 124 -10.61 1.24 -32.13
C LEU A 124 -10.94 2.70 -32.43
N THR A 125 -11.19 3.04 -33.69
CA THR A 125 -11.40 4.43 -34.12
C THR A 125 -12.63 5.03 -33.43
N GLN A 126 -13.72 4.28 -33.35
CA GLN A 126 -14.97 4.81 -32.73
C GLN A 126 -14.68 5.17 -31.26
N SER A 127 -14.07 4.24 -30.54
CA SER A 127 -13.86 4.39 -29.07
C SER A 127 -12.84 5.50 -28.82
N LEU A 128 -11.72 5.47 -29.57
CA LEU A 128 -10.65 6.49 -29.42
C LEU A 128 -11.20 7.88 -29.73
N ASN A 129 -12.03 8.05 -30.76
CA ASN A 129 -12.54 9.40 -31.10
C ASN A 129 -13.47 9.90 -29.98
N HIS A 130 -14.25 9.03 -29.36
CA HIS A 130 -15.09 9.47 -28.22
C HIS A 130 -14.20 9.84 -27.02
N LEU A 131 -13.11 9.11 -26.82
CA LEU A 131 -12.12 9.41 -25.76
C LEU A 131 -11.58 10.84 -26.00
N PHE A 132 -11.17 11.11 -27.22
CA PHE A 132 -10.65 12.47 -27.54
C PHE A 132 -11.73 13.51 -27.32
N THR A 133 -12.95 13.32 -27.82
CA THR A 133 -14.03 14.33 -27.66
C THR A 133 -14.15 14.74 -26.19
N ALA A 134 -14.09 13.75 -25.30
CA ALA A 134 -14.30 13.97 -23.85
C ALA A 134 -13.04 14.60 -23.23
N MET A 135 -11.87 14.08 -23.52
CA MET A 135 -10.66 14.38 -22.73
C MET A 135 -9.92 15.61 -23.28
N ASP A 136 -10.23 16.05 -24.50
CA ASP A 136 -9.43 17.16 -25.10
C ASP A 136 -9.50 18.43 -24.27
N SER A 137 -10.60 18.69 -23.57
CA SER A 137 -10.79 19.92 -22.77
C SER A 137 -10.24 19.74 -21.35
N THR A 138 -9.74 18.56 -20.99
CA THR A 138 -9.08 18.35 -19.68
C THR A 138 -7.57 18.63 -19.79
N ASP A 139 -6.90 18.95 -18.67
CA ASP A 139 -5.45 19.22 -18.69
C ASP A 139 -4.65 18.11 -18.00
N ALA A 140 -5.24 16.92 -17.82
CA ALA A 140 -4.47 15.77 -17.33
C ALA A 140 -3.64 15.13 -18.47
N ASP A 141 -2.43 14.64 -18.18
CA ASP A 141 -1.71 13.74 -19.10
C ASP A 141 -2.52 12.45 -19.24
N VAL A 142 -2.92 12.08 -20.45
CA VAL A 142 -3.72 10.84 -20.67
C VAL A 142 -2.76 9.79 -21.22
N VAL A 143 -2.78 8.61 -20.63
CA VAL A 143 -2.00 7.46 -21.13
C VAL A 143 -2.97 6.32 -21.42
N ILE A 144 -3.10 6.00 -22.69
CA ILE A 144 -4.01 4.94 -23.17
C ILE A 144 -3.27 3.60 -23.13
N TYR A 145 -3.91 2.58 -22.58
CA TYR A 145 -3.31 1.23 -22.44
C TYR A 145 -4.03 0.25 -23.37
N CYS A 146 -3.25 -0.53 -24.10
CA CYS A 146 -3.74 -1.57 -25.02
C CYS A 146 -2.86 -2.81 -24.88
N ARG A 147 -3.22 -3.93 -25.53
N ARG A 147 -3.32 -3.90 -25.51
CA ARG A 147 -2.43 -5.19 -25.41
CA ARG A 147 -2.76 -5.27 -25.47
C ARG A 147 -1.97 -5.72 -26.78
C ARG A 147 -1.95 -5.55 -26.74
N ASP A 148 -2.54 -5.26 -27.90
CA ASP A 148 -2.13 -5.79 -29.23
C ASP A 148 -1.21 -4.80 -29.95
N LYS A 149 -0.14 -5.31 -30.56
CA LYS A 149 0.89 -4.50 -31.27
C LYS A 149 0.27 -3.67 -32.40
N GLU A 150 -0.64 -4.24 -33.18
CA GLU A 150 -1.26 -3.50 -34.30
C GLU A 150 -2.12 -2.34 -33.75
N TRP A 151 -2.81 -2.54 -32.62
CA TRP A 151 -3.60 -1.46 -31.97
C TRP A 151 -2.66 -0.36 -31.48
N GLU A 152 -1.53 -0.69 -30.87
CA GLU A 152 -0.56 0.32 -30.37
C GLU A 152 -0.17 1.23 -31.54
N LYS A 153 0.15 0.64 -32.70
CA LYS A 153 0.62 1.39 -33.89
C LYS A 153 -0.51 2.32 -34.34
N LYS A 154 -1.76 1.83 -34.44
CA LYS A 154 -2.90 2.64 -34.92
C LYS A 154 -3.26 3.75 -33.93
N ILE A 155 -3.23 3.47 -32.64
CA ILE A 155 -3.48 4.53 -31.62
C ILE A 155 -2.38 5.60 -31.67
N SER A 156 -1.12 5.17 -31.77
CA SER A 156 0.03 6.10 -31.80
C SER A 156 -0.11 7.01 -33.04
N GLU A 157 -0.46 6.42 -34.18
CA GLU A 157 -0.64 7.20 -35.44
C GLU A 157 -1.75 8.23 -35.27
N ALA A 158 -2.89 7.88 -34.67
CA ALA A 158 -4.02 8.79 -34.48
C ALA A 158 -3.60 9.95 -33.58
N ILE A 159 -2.83 9.65 -32.54
CA ILE A 159 -2.36 10.72 -31.61
C ILE A 159 -1.48 11.67 -32.43
N GLN A 160 -0.51 11.11 -33.16
CA GLN A 160 0.57 11.90 -33.81
C GLN A 160 -0.05 12.73 -34.93
N MET A 161 -1.11 12.23 -35.56
CA MET A 161 -1.85 12.93 -36.65
C MET A 161 -2.29 14.34 -36.24
N ARG A 162 -2.63 14.53 -34.95
CA ARG A 162 -3.25 15.77 -34.45
C ARG A 162 -2.18 16.79 -34.01
N THR A 163 -0.93 16.35 -33.82
CA THR A 163 0.15 17.13 -33.14
C THR A 163 0.95 17.97 -34.14
N GLY B 1 29.82 11.64 -12.76
CA GLY B 1 30.51 10.66 -11.87
C GLY B 1 30.10 10.83 -10.42
N ALA B 2 30.19 9.76 -9.62
CA ALA B 2 30.07 9.78 -8.15
C ALA B 2 31.29 10.51 -7.60
N MET B 3 31.13 11.28 -6.52
CA MET B 3 32.23 12.15 -6.01
C MET B 3 33.43 11.26 -5.66
N ALA B 4 33.16 10.06 -5.15
CA ALA B 4 34.17 9.07 -4.75
C ALA B 4 33.68 7.69 -5.20
N PRO B 5 33.85 7.34 -6.50
CA PRO B 5 33.27 6.11 -7.03
C PRO B 5 33.51 4.92 -6.08
N SER B 6 32.45 4.18 -5.76
CA SER B 6 32.47 3.03 -4.82
C SER B 6 31.75 1.83 -5.43
N TYR B 7 32.01 0.68 -4.82
CA TYR B 7 31.19 -0.56 -4.87
C TYR B 7 30.51 -0.79 -3.50
N ARG B 8 29.21 -1.11 -3.57
CA ARG B 8 28.28 -1.40 -2.44
C ARG B 8 27.33 -2.54 -2.82
N VAL B 9 26.83 -3.30 -1.83
CA VAL B 9 25.93 -4.46 -2.04
C VAL B 9 24.64 -4.23 -1.23
N LYS B 10 23.49 -4.58 -1.80
CA LYS B 10 22.18 -4.59 -1.09
C LYS B 10 21.50 -5.94 -1.37
N ARG B 11 20.87 -6.52 -0.34
CA ARG B 11 20.17 -7.83 -0.43
C ARG B 11 18.66 -7.56 -0.49
N MET B 12 18.13 -7.40 -1.71
CA MET B 12 16.72 -7.03 -1.95
C MET B 12 16.42 -7.13 -3.44
N ASP B 13 15.14 -7.04 -3.78
CA ASP B 13 14.59 -7.08 -5.16
C ASP B 13 15.15 -5.86 -5.92
N ILE B 14 15.89 -6.11 -6.99
CA ILE B 14 16.53 -5.05 -7.82
C ILE B 14 15.44 -4.16 -8.43
N ALA B 15 14.21 -4.67 -8.45
CA ALA B 15 12.94 -3.93 -8.72
C ALA B 15 12.88 -2.61 -7.93
N LYS B 16 13.29 -2.61 -6.66
CA LYS B 16 13.04 -1.48 -5.71
C LYS B 16 14.31 -0.66 -5.54
N ASN B 17 15.21 -0.65 -6.53
CA ASN B 17 16.53 0.03 -6.43
C ASN B 17 16.33 1.55 -6.36
N ASP B 18 17.21 2.24 -5.61
CA ASP B 18 17.27 3.72 -5.42
C ASP B 18 18.33 4.29 -6.37
N GLU B 19 18.75 3.53 -7.37
CA GLU B 19 19.88 3.88 -8.27
C GLU B 19 19.32 4.58 -9.51
N GLU B 20 20.17 5.30 -10.23
CA GLU B 20 19.75 6.05 -11.43
C GLU B 20 19.52 5.07 -12.56
N CYS B 21 19.90 3.78 -12.39
CA CYS B 21 19.50 2.80 -13.43
C CYS B 21 19.72 1.37 -12.91
N VAL B 22 19.18 0.39 -13.66
CA VAL B 22 19.26 -1.05 -13.27
C VAL B 22 19.75 -1.89 -14.46
N VAL B 23 20.54 -2.92 -14.10
CA VAL B 23 20.93 -4.01 -15.03
C VAL B 23 19.98 -5.20 -14.78
N ASN B 24 19.29 -5.59 -15.82
CA ASN B 24 18.47 -6.82 -15.86
C ASN B 24 19.38 -7.99 -16.28
N ALA B 25 19.29 -9.09 -15.55
CA ALA B 25 19.88 -10.38 -15.98
C ALA B 25 18.92 -10.99 -17.02
N ALA B 26 19.00 -10.54 -18.27
CA ALA B 26 17.99 -10.79 -19.31
C ALA B 26 18.19 -12.15 -20.00
N ASN B 27 17.17 -12.64 -20.66
CA ASN B 27 17.30 -13.70 -21.67
C ASN B 27 17.44 -13.05 -23.04
N PRO B 28 17.93 -13.77 -24.06
CA PRO B 28 18.11 -13.19 -25.39
C PRO B 28 16.82 -12.73 -26.09
N ARG B 29 15.65 -13.23 -25.65
CA ARG B 29 14.43 -13.06 -26.48
C ARG B 29 13.57 -11.97 -25.87
N GLY B 30 14.02 -11.33 -24.79
CA GLY B 30 13.21 -10.33 -24.08
C GLY B 30 11.92 -10.89 -23.50
N LEU B 31 11.96 -12.13 -23.03
CA LEU B 31 10.85 -12.77 -22.30
C LEU B 31 10.91 -12.45 -20.81
N PRO B 32 9.77 -12.55 -20.08
CA PRO B 32 9.77 -12.31 -18.63
C PRO B 32 10.72 -13.16 -17.77
N GLY B 33 10.91 -14.42 -18.14
CA GLY B 33 11.98 -15.25 -17.53
C GLY B 33 11.79 -15.56 -16.05
N ASP B 34 12.90 -15.79 -15.34
CA ASP B 34 12.93 -16.23 -13.93
C ASP B 34 13.80 -15.27 -13.11
N GLY B 35 13.81 -15.45 -11.78
CA GLY B 35 14.72 -14.72 -10.87
C GLY B 35 14.66 -13.22 -11.05
N VAL B 36 15.83 -12.56 -11.13
CA VAL B 36 15.95 -11.10 -11.36
C VAL B 36 15.09 -10.67 -12.56
N CYS B 37 15.13 -11.40 -13.67
CA CYS B 37 14.42 -10.99 -14.89
C CYS B 37 12.92 -10.87 -14.58
N LYS B 38 12.37 -11.83 -13.84
CA LYS B 38 10.93 -11.85 -13.45
C LYS B 38 10.67 -10.63 -12.54
N ALA B 39 11.57 -10.39 -11.57
CA ALA B 39 11.48 -9.26 -10.61
C ALA B 39 11.47 -7.94 -11.35
N VAL B 40 12.36 -7.83 -12.35
CA VAL B 40 12.52 -6.64 -13.20
C VAL B 40 11.29 -6.53 -14.09
N TYR B 41 10.72 -7.64 -14.56
CA TYR B 41 9.53 -7.59 -15.44
C TYR B 41 8.27 -7.14 -14.66
N LYS B 42 8.24 -7.46 -13.36
CA LYS B 42 7.13 -7.17 -12.40
C LYS B 42 7.21 -5.70 -11.96
N LYS B 43 8.42 -5.15 -11.84
CA LYS B 43 8.63 -3.75 -11.38
C LYS B 43 8.57 -2.77 -12.54
N TRP B 44 9.29 -3.07 -13.63
CA TRP B 44 9.45 -2.17 -14.79
C TRP B 44 9.03 -2.89 -16.07
N PRO B 45 7.77 -3.37 -16.18
CA PRO B 45 7.30 -4.10 -17.37
C PRO B 45 7.45 -3.34 -18.71
N GLU B 46 7.33 -2.01 -18.67
CA GLU B 46 7.51 -1.11 -19.84
C GLU B 46 8.90 -1.33 -20.47
N SER B 47 9.90 -1.77 -19.71
CA SER B 47 11.32 -1.89 -20.18
C SER B 47 11.58 -3.08 -21.12
N PHE B 48 10.60 -3.94 -21.48
CA PHE B 48 10.76 -5.17 -22.30
C PHE B 48 10.37 -5.00 -23.76
N LYS B 49 9.89 -3.81 -24.16
CA LYS B 49 9.59 -3.52 -25.59
C LYS B 49 10.89 -3.55 -26.39
N ASN B 50 10.98 -4.46 -27.36
CA ASN B 50 12.15 -4.63 -28.27
C ASN B 50 13.44 -4.77 -27.45
N SER B 51 13.40 -5.49 -26.33
CA SER B 51 14.58 -5.71 -25.45
C SER B 51 15.42 -6.93 -25.94
N ALA B 52 14.93 -7.76 -26.86
CA ALA B 52 15.68 -8.94 -27.38
C ALA B 52 17.06 -8.53 -27.95
N THR B 53 18.10 -9.25 -27.54
CA THR B 53 19.51 -8.97 -27.94
C THR B 53 20.32 -10.25 -27.73
N PRO B 54 21.41 -10.46 -28.50
CA PRO B 54 22.20 -11.66 -28.42
C PRO B 54 22.99 -11.83 -27.10
N VAL B 55 23.38 -13.07 -26.85
CA VAL B 55 24.28 -13.40 -25.72
C VAL B 55 25.57 -12.57 -25.83
N GLY B 56 26.07 -12.07 -24.70
CA GLY B 56 27.28 -11.25 -24.69
C GLY B 56 27.04 -9.78 -24.94
N THR B 57 25.79 -9.34 -25.06
CA THR B 57 25.44 -7.92 -25.35
C THR B 57 24.51 -7.32 -24.32
N ALA B 58 24.39 -6.01 -24.36
CA ALA B 58 23.46 -5.26 -23.50
C ALA B 58 22.68 -4.29 -24.37
N LYS B 59 21.37 -4.22 -24.11
CA LYS B 59 20.42 -3.32 -24.81
C LYS B 59 19.66 -2.51 -23.76
N THR B 60 19.70 -1.18 -23.87
CA THR B 60 19.01 -0.31 -22.90
C THR B 60 17.67 0.11 -23.52
N VAL B 61 16.64 0.00 -22.66
CA VAL B 61 15.25 0.48 -22.85
C VAL B 61 14.84 1.31 -21.61
N MET B 62 14.37 2.53 -21.86
CA MET B 62 13.94 3.49 -20.82
C MET B 62 12.53 3.12 -20.33
N CYS B 63 12.11 3.78 -19.26
CA CYS B 63 10.69 3.84 -18.84
C CYS B 63 10.41 5.25 -18.30
N GLY B 64 10.06 6.17 -19.20
CA GLY B 64 10.11 7.62 -18.94
C GLY B 64 11.53 8.05 -18.71
N THR B 65 12.03 7.90 -17.48
CA THR B 65 13.35 8.44 -17.04
C THR B 65 14.22 7.40 -16.32
N TYR B 66 13.77 6.16 -16.07
CA TYR B 66 14.57 5.13 -15.35
C TYR B 66 15.14 4.10 -16.32
N PRO B 67 16.48 4.09 -16.54
CA PRO B 67 17.12 3.18 -17.48
C PRO B 67 17.21 1.74 -16.94
N VAL B 68 16.71 0.79 -17.73
CA VAL B 68 16.91 -0.69 -17.57
C VAL B 68 17.80 -1.17 -18.73
N ILE B 69 18.99 -1.61 -18.38
CA ILE B 69 20.06 -2.20 -19.24
C ILE B 69 19.90 -3.73 -19.24
N HIS B 70 19.40 -4.25 -20.34
CA HIS B 70 19.17 -5.73 -20.50
C HIS B 70 20.50 -6.36 -20.91
N ALA B 71 21.15 -7.07 -19.97
CA ALA B 71 22.48 -7.70 -20.17
C ALA B 71 22.28 -9.21 -20.29
N VAL B 72 22.69 -9.78 -21.42
CA VAL B 72 22.42 -11.24 -21.66
C VAL B 72 23.70 -12.02 -21.36
N GLY B 73 23.78 -12.62 -20.19
CA GLY B 73 24.86 -13.57 -19.88
C GLY B 73 24.57 -14.92 -20.52
N PRO B 74 25.62 -15.73 -20.73
CA PRO B 74 25.44 -17.07 -21.30
C PRO B 74 24.77 -18.01 -20.30
N ASN B 75 24.01 -18.96 -20.87
CA ASN B 75 23.50 -20.13 -20.11
C ASN B 75 24.59 -21.21 -20.17
N PHE B 76 25.22 -21.49 -19.06
CA PHE B 76 26.30 -22.50 -18.96
C PHE B 76 25.72 -23.93 -19.11
N SER B 77 24.40 -24.12 -19.14
CA SER B 77 23.83 -25.42 -19.59
C SER B 77 24.16 -25.63 -21.08
N ASN B 78 24.27 -24.55 -21.86
CA ASN B 78 24.40 -24.59 -23.34
C ASN B 78 25.85 -24.33 -23.80
N TYR B 79 26.55 -23.45 -23.12
CA TYR B 79 27.91 -23.00 -23.48
C TYR B 79 28.93 -23.87 -22.74
N THR B 80 30.08 -24.10 -23.36
CA THR B 80 31.22 -24.69 -22.66
C THR B 80 31.79 -23.69 -21.64
N GLU B 81 32.56 -24.16 -20.69
CA GLU B 81 33.19 -23.24 -19.72
C GLU B 81 33.98 -22.18 -20.49
N SER B 82 34.73 -22.59 -21.50
CA SER B 82 35.61 -21.64 -22.22
C SER B 82 34.78 -20.59 -22.97
N GLU B 83 33.76 -21.00 -23.70
CA GLU B 83 33.03 -20.07 -24.57
C GLU B 83 32.13 -19.21 -23.67
N GLY B 84 31.59 -19.79 -22.61
CA GLY B 84 30.75 -19.12 -21.59
C GLY B 84 31.55 -18.03 -20.90
N ASP B 85 32.80 -18.33 -20.54
CA ASP B 85 33.62 -17.32 -19.82
C ASP B 85 33.83 -16.08 -20.68
N ARG B 86 34.03 -16.26 -21.99
CA ARG B 86 34.20 -15.14 -22.95
C ARG B 86 32.90 -14.32 -23.01
N GLU B 87 31.75 -14.98 -23.20
CA GLU B 87 30.46 -14.27 -23.34
C GLU B 87 30.11 -13.54 -22.06
N LEU B 88 30.43 -14.09 -20.90
CA LEU B 88 30.08 -13.45 -19.61
C LEU B 88 30.94 -12.20 -19.44
N ALA B 89 32.22 -12.25 -19.78
CA ALA B 89 33.08 -11.04 -19.79
C ALA B 89 32.50 -9.99 -20.73
N ALA B 90 32.07 -10.40 -21.92
CA ALA B 90 31.57 -9.49 -22.98
C ALA B 90 30.31 -8.77 -22.50
N ALA B 91 29.39 -9.50 -21.87
CA ALA B 91 28.12 -8.91 -21.39
C ALA B 91 28.47 -7.78 -20.44
N TYR B 92 29.36 -8.02 -19.48
CA TYR B 92 29.73 -6.96 -18.53
C TYR B 92 30.44 -5.80 -19.23
N ARG B 93 31.30 -6.06 -20.23
CA ARG B 93 31.94 -4.94 -20.96
C ARG B 93 30.88 -4.05 -21.63
N GLU B 94 29.80 -4.64 -22.20
N GLU B 94 29.80 -4.65 -22.16
CA GLU B 94 28.72 -3.83 -22.83
CA GLU B 94 28.73 -3.88 -22.84
C GLU B 94 27.95 -3.06 -21.74
C GLU B 94 27.91 -3.11 -21.78
N VAL B 95 27.77 -3.65 -20.56
CA VAL B 95 27.12 -2.94 -19.43
C VAL B 95 27.96 -1.66 -19.12
N ALA B 96 29.28 -1.78 -19.03
CA ALA B 96 30.16 -0.63 -18.71
C ALA B 96 30.00 0.47 -19.76
N LYS B 97 29.92 0.09 -21.03
CA LYS B 97 29.79 1.05 -22.16
C LYS B 97 28.43 1.75 -22.08
N GLU B 98 27.35 1.03 -21.71
CA GLU B 98 26.00 1.62 -21.58
C GLU B 98 25.93 2.57 -20.38
N VAL B 99 26.43 2.17 -19.24
CA VAL B 99 26.43 2.99 -18.01
C VAL B 99 27.18 4.29 -18.34
N THR B 100 28.31 4.19 -19.03
CA THR B 100 29.11 5.40 -19.40
C THR B 100 28.28 6.29 -20.33
N ARG B 101 27.72 5.71 -21.39
CA ARG B 101 26.90 6.46 -22.38
C ARG B 101 25.75 7.19 -21.70
N LEU B 102 25.11 6.58 -20.71
CA LEU B 102 23.88 7.11 -20.08
C LEU B 102 24.23 8.32 -19.19
N GLY B 103 25.47 8.41 -18.70
CA GLY B 103 25.90 9.52 -17.81
C GLY B 103 25.37 9.41 -16.40
N VAL B 104 24.90 8.25 -15.98
CA VAL B 104 24.41 8.01 -14.59
C VAL B 104 25.57 8.11 -13.60
N ASN B 105 25.26 8.43 -12.34
CA ASN B 105 26.20 8.45 -11.21
C ASN B 105 26.06 7.21 -10.34
N SER B 106 25.06 6.37 -10.63
CA SER B 106 24.72 5.15 -9.86
C SER B 106 24.17 4.06 -10.79
N VAL B 107 24.37 2.79 -10.40
CA VAL B 107 23.87 1.59 -11.15
C VAL B 107 23.62 0.45 -10.16
N ALA B 108 22.47 -0.22 -10.31
CA ALA B 108 22.16 -1.46 -9.57
C ALA B 108 22.43 -2.61 -10.56
N ILE B 109 23.23 -3.58 -10.14
N ILE B 109 23.26 -3.57 -10.13
CA ILE B 109 23.69 -4.68 -11.03
CA ILE B 109 23.80 -4.68 -10.96
C ILE B 109 23.63 -6.00 -10.27
C ILE B 109 23.58 -6.00 -10.22
N PRO B 110 23.02 -7.05 -10.88
CA PRO B 110 23.04 -8.39 -10.32
C PRO B 110 24.26 -9.16 -10.84
N LEU B 111 24.58 -10.31 -10.26
CA LEU B 111 25.68 -11.17 -10.76
C LEU B 111 25.14 -12.03 -11.92
N LEU B 112 25.51 -11.66 -13.16
CA LEU B 112 25.11 -12.39 -14.38
C LEU B 112 25.57 -13.86 -14.30
N SER B 113 24.71 -14.72 -14.84
CA SER B 113 24.92 -16.18 -15.04
C SER B 113 25.07 -16.91 -13.70
N THR B 114 24.57 -16.38 -12.58
CA THR B 114 24.70 -17.05 -11.24
C THR B 114 23.42 -17.77 -10.80
N GLY B 115 22.32 -17.60 -11.52
CA GLY B 115 21.05 -18.23 -11.14
C GLY B 115 20.73 -19.37 -12.09
N VAL B 116 19.60 -19.32 -12.76
CA VAL B 116 19.18 -20.40 -13.68
C VAL B 116 20.12 -20.54 -14.87
N TYR B 117 21.03 -19.61 -15.16
CA TYR B 117 22.06 -19.79 -16.24
C TYR B 117 23.40 -20.33 -15.70
N SER B 118 23.52 -20.71 -14.42
CA SER B 118 24.79 -21.17 -13.80
C SER B 118 25.22 -22.58 -14.26
N GLY B 119 24.31 -23.37 -14.84
CA GLY B 119 24.60 -24.78 -15.16
C GLY B 119 24.86 -25.56 -13.89
N GLY B 120 24.24 -25.15 -12.79
CA GLY B 120 24.32 -25.82 -11.48
C GLY B 120 25.62 -25.61 -10.70
N LYS B 121 26.45 -24.65 -11.11
CA LYS B 121 27.77 -24.36 -10.47
C LYS B 121 27.68 -23.05 -9.69
N ASP B 122 28.47 -22.94 -8.62
CA ASP B 122 28.65 -21.69 -7.84
C ASP B 122 29.56 -20.76 -8.66
N ARG B 123 29.02 -19.64 -9.18
CA ARG B 123 29.80 -18.74 -10.08
C ARG B 123 29.95 -17.34 -9.46
N LEU B 124 29.84 -17.21 -8.13
CA LEU B 124 29.92 -15.87 -7.49
C LEU B 124 31.27 -15.22 -7.86
N THR B 125 32.38 -15.89 -7.59
CA THR B 125 33.76 -15.38 -7.81
C THR B 125 33.97 -15.05 -9.30
N GLN B 126 33.61 -15.96 -10.17
CA GLN B 126 33.73 -15.80 -11.64
C GLN B 126 32.96 -14.55 -12.08
N SER B 127 31.69 -14.46 -11.73
CA SER B 127 30.80 -13.39 -12.26
C SER B 127 31.23 -12.05 -11.64
N LEU B 128 31.56 -12.05 -10.35
CA LEU B 128 32.02 -10.81 -9.69
C LEU B 128 33.36 -10.33 -10.31
N ASN B 129 34.27 -11.24 -10.65
N ASN B 129 34.29 -11.25 -10.60
CA ASN B 129 35.60 -10.88 -11.25
CA ASN B 129 35.57 -10.89 -11.27
C ASN B 129 35.37 -10.22 -12.62
C ASN B 129 35.23 -10.11 -12.54
N HIS B 130 34.43 -10.71 -13.42
CA HIS B 130 34.10 -10.09 -14.72
C HIS B 130 33.41 -8.74 -14.49
N LEU B 131 32.62 -8.61 -13.44
CA LEU B 131 31.90 -7.35 -13.11
C LEU B 131 32.96 -6.29 -12.80
N PHE B 132 33.88 -6.61 -11.91
CA PHE B 132 34.98 -5.68 -11.56
C PHE B 132 35.78 -5.33 -12.80
N THR B 133 36.21 -6.30 -13.62
CA THR B 133 37.10 -6.03 -14.79
C THR B 133 36.46 -4.97 -15.71
N ALA B 134 35.14 -5.03 -15.88
CA ALA B 134 34.39 -4.07 -16.73
C ALA B 134 34.17 -2.77 -15.99
N MET B 135 33.72 -2.82 -14.73
CA MET B 135 33.15 -1.61 -14.10
C MET B 135 34.28 -0.80 -13.45
N ASP B 136 35.47 -1.35 -13.23
CA ASP B 136 36.54 -0.64 -12.46
C ASP B 136 36.86 0.70 -13.11
N SER B 137 36.84 0.80 -14.43
CA SER B 137 37.24 2.02 -15.17
C SER B 137 36.08 3.03 -15.27
N THR B 138 34.88 2.72 -14.78
CA THR B 138 33.72 3.66 -14.81
C THR B 138 33.71 4.42 -13.49
N ASP B 139 33.08 5.62 -13.47
CA ASP B 139 33.02 6.41 -12.22
C ASP B 139 31.62 6.40 -11.61
N ALA B 140 30.74 5.49 -12.02
CA ALA B 140 29.41 5.39 -11.39
C ALA B 140 29.54 4.65 -10.05
N ASP B 141 28.72 5.03 -9.05
CA ASP B 141 28.56 4.20 -7.84
C ASP B 141 27.85 2.90 -8.26
N VAL B 142 28.48 1.77 -8.00
CA VAL B 142 27.92 0.44 -8.34
C VAL B 142 27.36 -0.21 -7.08
N VAL B 143 26.09 -0.59 -7.16
CA VAL B 143 25.40 -1.36 -6.08
C VAL B 143 24.99 -2.71 -6.66
N ILE B 144 25.65 -3.72 -6.13
CA ILE B 144 25.48 -5.15 -6.48
C ILE B 144 24.34 -5.71 -5.63
N TYR B 145 23.40 -6.40 -6.25
CA TYR B 145 22.27 -7.02 -5.53
C TYR B 145 22.43 -8.52 -5.54
N CYS B 146 22.20 -9.13 -4.37
CA CYS B 146 22.07 -10.59 -4.19
C CYS B 146 20.83 -10.83 -3.31
N ARG B 147 20.49 -12.09 -3.08
CA ARG B 147 19.31 -12.47 -2.24
C ARG B 147 19.76 -13.36 -1.07
N ASP B 148 20.81 -14.16 -1.27
CA ASP B 148 21.35 -15.09 -0.23
C ASP B 148 22.23 -14.31 0.75
N LYS B 149 22.13 -14.65 2.04
CA LYS B 149 22.90 -14.00 3.13
C LYS B 149 24.40 -14.34 3.04
N GLU B 150 24.79 -15.58 2.69
CA GLU B 150 26.20 -15.97 2.60
C GLU B 150 26.83 -15.29 1.38
N TRP B 151 26.05 -15.09 0.31
CA TRP B 151 26.56 -14.41 -0.92
C TRP B 151 26.85 -12.94 -0.57
N GLU B 152 25.91 -12.24 0.07
CA GLU B 152 26.16 -10.86 0.60
C GLU B 152 27.51 -10.86 1.30
N LYS B 153 27.75 -11.82 2.21
CA LYS B 153 28.99 -11.92 3.01
C LYS B 153 30.19 -11.91 2.06
N LYS B 154 30.26 -12.88 1.13
CA LYS B 154 31.46 -13.16 0.28
C LYS B 154 31.73 -12.02 -0.71
N ILE B 155 30.67 -11.37 -1.22
CA ILE B 155 30.76 -10.19 -2.12
C ILE B 155 31.31 -9.00 -1.34
N SER B 156 30.63 -8.66 -0.24
CA SER B 156 30.98 -7.56 0.71
C SER B 156 32.46 -7.69 1.08
N GLU B 157 32.94 -8.93 1.27
CA GLU B 157 34.35 -9.28 1.61
C GLU B 157 35.29 -9.00 0.41
N ALA B 158 34.89 -9.45 -0.78
CA ALA B 158 35.64 -9.26 -2.05
C ALA B 158 35.86 -7.76 -2.26
N ILE B 159 34.86 -6.94 -1.99
CA ILE B 159 34.90 -5.44 -2.14
C ILE B 159 35.95 -4.86 -1.18
N GLN B 160 35.97 -5.31 0.08
CA GLN B 160 36.79 -4.70 1.16
C GLN B 160 38.27 -5.09 1.02
N MET B 161 38.58 -6.27 0.45
CA MET B 161 39.96 -6.79 0.32
C MET B 161 40.78 -5.93 -0.65
N ARG B 162 40.14 -5.14 -1.52
CA ARG B 162 40.79 -4.35 -2.60
C ARG B 162 40.94 -2.88 -2.18
N THR B 163 40.40 -2.50 -1.00
CA THR B 163 40.24 -1.10 -0.54
C THR B 163 41.22 -0.79 0.61
N GLY C 1 -2.24 2.06 28.01
CA GLY C 1 -2.84 3.11 27.10
C GLY C 1 -2.88 4.48 27.75
N ALA C 2 -2.94 5.55 26.94
CA ALA C 2 -3.22 6.90 27.46
C ALA C 2 -4.67 6.92 27.95
N MET C 3 -4.94 7.69 29.01
CA MET C 3 -6.31 7.75 29.58
C MET C 3 -7.32 8.29 28.55
N ALA C 4 -6.91 9.21 27.68
CA ALA C 4 -7.75 9.80 26.63
C ALA C 4 -6.89 9.96 25.39
N PRO C 5 -6.67 8.85 24.63
CA PRO C 5 -5.73 8.86 23.51
C PRO C 5 -5.97 10.05 22.56
N SER C 6 -4.91 10.76 22.20
CA SER C 6 -4.98 12.00 21.38
C SER C 6 -3.96 12.01 20.25
N TYR C 7 -4.15 12.96 19.34
CA TYR C 7 -3.17 13.37 18.31
C TYR C 7 -2.73 14.80 18.58
N ARG C 8 -1.43 15.06 18.52
CA ARG C 8 -0.86 16.42 18.61
C ARG C 8 0.16 16.58 17.49
N VAL C 9 0.45 17.81 17.12
CA VAL C 9 1.57 18.09 16.20
C VAL C 9 2.52 19.12 16.83
N LYS C 10 3.82 18.90 16.60
CA LYS C 10 4.91 19.79 17.06
C LYS C 10 5.83 20.10 15.90
N ARG C 11 6.19 21.38 15.77
CA ARG C 11 7.25 21.88 14.86
C ARG C 11 8.57 21.89 15.64
N MET C 12 9.37 20.83 15.55
CA MET C 12 10.45 20.51 16.51
C MET C 12 11.26 19.33 15.99
N ASP C 13 12.53 19.24 16.36
CA ASP C 13 13.43 18.11 16.06
C ASP C 13 12.88 16.86 16.77
N ILE C 14 12.54 15.82 16.02
CA ILE C 14 11.95 14.57 16.58
C ILE C 14 13.04 13.92 17.45
N ALA C 15 14.31 14.29 17.23
CA ALA C 15 15.40 13.69 18.02
C ALA C 15 15.36 14.20 19.48
N LYS C 16 14.55 15.23 19.74
N LYS C 16 14.59 15.25 19.76
CA LYS C 16 14.36 15.85 21.08
CA LYS C 16 14.40 15.77 21.14
C LYS C 16 12.92 15.61 21.56
C LYS C 16 12.93 15.62 21.55
N ASN C 17 12.25 14.57 21.07
CA ASN C 17 10.85 14.30 21.48
C ASN C 17 10.70 14.02 23.00
N ASP C 18 9.46 14.12 23.46
CA ASP C 18 9.01 13.92 24.87
C ASP C 18 8.14 12.67 25.00
N GLU C 19 8.25 11.73 24.08
CA GLU C 19 7.43 10.50 24.06
C GLU C 19 8.24 9.27 24.44
N GLU C 20 7.52 8.16 24.62
CA GLU C 20 8.11 6.90 25.19
C GLU C 20 8.86 6.08 24.11
N CYS C 21 8.68 6.42 22.84
CA CYS C 21 9.40 5.81 21.69
C CYS C 21 9.33 6.72 20.47
N VAL C 22 10.15 6.43 19.47
CA VAL C 22 10.27 7.27 18.25
C VAL C 22 10.13 6.38 17.03
N VAL C 23 9.49 6.92 16.02
CA VAL C 23 9.51 6.34 14.64
C VAL C 23 10.57 7.05 13.83
N ASN C 24 11.51 6.25 13.30
CA ASN C 24 12.54 6.71 12.33
C ASN C 24 11.97 6.55 10.92
N ALA C 25 12.04 7.57 10.10
CA ALA C 25 11.80 7.44 8.63
C ALA C 25 13.05 6.79 8.02
N ALA C 26 13.12 5.49 8.09
CA ALA C 26 14.31 4.65 7.80
C ALA C 26 14.44 4.37 6.29
N ASN C 27 15.61 3.84 5.91
CA ASN C 27 15.91 3.32 4.55
C ASN C 27 16.04 1.81 4.72
N PRO C 28 15.77 1.01 3.66
CA PRO C 28 15.74 -0.45 3.78
C PRO C 28 17.09 -1.09 4.18
N ARG C 29 18.20 -0.37 4.01
CA ARG C 29 19.57 -0.89 4.32
C ARG C 29 19.89 -0.69 5.81
N GLY C 30 19.27 0.29 6.47
CA GLY C 30 19.53 0.54 7.89
C GLY C 30 20.73 1.45 8.08
N LEU C 31 20.97 2.31 7.09
CA LEU C 31 22.06 3.32 7.03
C LEU C 31 21.63 4.62 7.69
N PRO C 32 22.59 5.38 8.23
CA PRO C 32 22.35 6.73 8.72
C PRO C 32 21.50 7.62 7.81
N GLY C 33 21.64 7.47 6.49
CA GLY C 33 20.85 8.26 5.52
C GLY C 33 21.00 9.75 5.76
N ASP C 34 19.93 10.53 5.56
CA ASP C 34 19.90 12.01 5.72
C ASP C 34 18.51 12.42 6.24
N GLY C 35 18.28 13.72 6.41
CA GLY C 35 17.04 14.26 6.99
C GLY C 35 16.86 13.77 8.41
N VAL C 36 15.62 13.36 8.77
CA VAL C 36 15.26 12.88 10.14
C VAL C 36 16.08 11.62 10.46
N CYS C 37 16.34 10.76 9.47
CA CYS C 37 17.10 9.48 9.65
C CYS C 37 18.51 9.78 10.20
N LYS C 38 19.12 10.91 9.82
CA LYS C 38 20.49 11.35 10.25
C LYS C 38 20.46 11.92 11.68
N ALA C 39 19.58 12.89 11.97
CA ALA C 39 19.32 13.42 13.33
C ALA C 39 18.99 12.27 14.30
N VAL C 40 18.27 11.25 13.83
CA VAL C 40 17.90 10.05 14.63
C VAL C 40 19.16 9.21 14.84
N TYR C 41 19.98 9.04 13.79
CA TYR C 41 21.24 8.29 13.85
C TYR C 41 22.17 8.94 14.88
N LYS C 42 22.21 10.26 14.91
CA LYS C 42 23.11 11.02 15.81
C LYS C 42 22.61 10.88 17.26
N LYS C 43 21.28 10.84 17.48
CA LYS C 43 20.73 10.70 18.86
C LYS C 43 20.80 9.24 19.34
N TRP C 44 20.46 8.29 18.50
CA TRP C 44 20.30 6.87 18.90
C TRP C 44 21.08 5.94 17.97
N PRO C 45 22.42 6.13 17.83
CA PRO C 45 23.18 5.30 16.91
C PRO C 45 23.11 3.79 17.19
N GLU C 46 23.04 3.39 18.47
CA GLU C 46 22.99 1.95 18.84
C GLU C 46 21.74 1.26 18.26
N SER C 47 20.67 2.04 17.99
CA SER C 47 19.43 1.50 17.41
C SER C 47 19.61 1.08 15.94
N PHE C 48 20.76 1.39 15.30
CA PHE C 48 21.01 1.08 13.86
C PHE C 48 21.74 -0.27 13.70
N LYS C 49 22.06 -0.95 14.80
CA LYS C 49 22.52 -2.37 14.79
C LYS C 49 21.43 -3.28 14.21
N ASN C 50 21.64 -3.79 12.99
CA ASN C 50 20.74 -4.78 12.32
C ASN C 50 19.32 -4.18 12.23
N SER C 51 19.24 -2.91 11.88
CA SER C 51 17.95 -2.20 11.69
C SER C 51 17.42 -2.38 10.25
N ALA C 52 18.21 -2.94 9.34
CA ALA C 52 17.76 -3.11 7.93
C ALA C 52 16.41 -3.81 7.94
N THR C 53 15.44 -3.32 7.16
CA THR C 53 14.07 -3.89 7.01
C THR C 53 13.50 -3.41 5.66
N PRO C 54 12.68 -4.22 4.97
CA PRO C 54 12.19 -3.84 3.64
C PRO C 54 11.18 -2.68 3.60
N VAL C 55 11.10 -1.99 2.46
CA VAL C 55 10.01 -1.02 2.12
C VAL C 55 8.67 -1.65 2.54
N GLY C 56 7.83 -0.88 3.22
CA GLY C 56 6.50 -1.38 3.64
C GLY C 56 6.46 -2.03 5.01
N THR C 57 7.60 -2.04 5.72
CA THR C 57 7.76 -2.75 7.01
C THR C 57 8.28 -1.78 8.08
N ALA C 58 8.23 -2.26 9.34
CA ALA C 58 8.83 -1.57 10.49
C ALA C 58 9.56 -2.59 11.38
N LYS C 59 10.73 -2.18 11.86
CA LYS C 59 11.55 -3.02 12.77
C LYS C 59 12.04 -2.15 13.94
N THR C 60 11.77 -2.63 15.15
CA THR C 60 12.17 -1.94 16.40
C THR C 60 13.54 -2.43 16.89
N VAL C 61 14.42 -1.49 17.14
CA VAL C 61 15.69 -1.77 17.86
C VAL C 61 15.78 -0.80 19.04
N MET C 62 16.18 -1.33 20.20
CA MET C 62 16.36 -0.51 21.42
C MET C 62 17.69 0.23 21.36
N CYS C 63 17.69 1.47 21.82
CA CYS C 63 18.89 2.24 22.20
C CYS C 63 18.85 2.34 23.73
N GLY C 64 19.60 1.47 24.42
CA GLY C 64 19.38 1.24 25.87
C GLY C 64 18.05 0.55 26.08
N THR C 65 17.05 1.21 26.69
CA THR C 65 15.66 0.73 26.79
C THR C 65 14.69 1.60 25.96
N TYR C 66 15.22 2.55 25.19
CA TYR C 66 14.38 3.51 24.43
C TYR C 66 14.10 2.90 23.05
N PRO C 67 12.84 2.55 22.69
CA PRO C 67 12.59 1.88 21.43
C PRO C 67 12.64 2.87 20.26
N VAL C 68 13.37 2.47 19.22
CA VAL C 68 13.40 3.18 17.92
C VAL C 68 12.73 2.27 16.88
N ILE C 69 11.59 2.72 16.32
CA ILE C 69 10.79 1.92 15.37
C ILE C 69 11.21 2.37 13.97
N HIS C 70 12.03 1.58 13.26
CA HIS C 70 12.53 1.94 11.91
C HIS C 70 11.45 1.59 10.88
N ALA C 71 10.79 2.60 10.32
CA ALA C 71 9.62 2.41 9.41
C ALA C 71 10.05 2.84 8.02
N VAL C 72 9.96 1.90 7.07
CA VAL C 72 10.47 2.15 5.70
C VAL C 72 9.28 2.43 4.76
N GLY C 73 9.01 3.70 4.53
CA GLY C 73 8.07 4.14 3.49
C GLY C 73 8.68 3.91 2.12
N PRO C 74 7.83 3.86 1.07
CA PRO C 74 8.36 3.86 -0.29
C PRO C 74 8.98 5.20 -0.68
N ASN C 75 10.02 5.14 -1.51
CA ASN C 75 10.55 6.29 -2.24
C ASN C 75 9.76 6.45 -3.53
N PHE C 76 8.99 7.52 -3.64
CA PHE C 76 8.09 7.74 -4.81
C PHE C 76 8.85 8.15 -6.08
N SER C 77 10.16 8.39 -5.99
CA SER C 77 11.01 8.58 -7.20
C SER C 77 11.11 7.25 -7.95
N ASN C 78 10.91 6.12 -7.25
CA ASN C 78 11.12 4.77 -7.79
C ASN C 78 9.87 3.89 -7.67
N TYR C 79 8.76 4.41 -7.17
CA TYR C 79 7.51 3.63 -7.05
C TYR C 79 6.46 4.36 -7.87
N THR C 80 5.57 3.64 -8.56
CA THR C 80 4.37 4.26 -9.17
C THR C 80 3.47 4.80 -8.06
N GLU C 81 2.57 5.70 -8.40
CA GLU C 81 1.55 6.20 -7.42
C GLU C 81 0.77 5.01 -6.87
N SER C 82 0.34 4.08 -7.72
CA SER C 82 -0.47 2.93 -7.27
C SER C 82 0.32 2.05 -6.28
N GLU C 83 1.52 1.63 -6.66
CA GLU C 83 2.30 0.67 -5.83
C GLU C 83 2.80 1.40 -4.57
N GLY C 84 3.21 2.65 -4.70
CA GLY C 84 3.69 3.39 -3.53
C GLY C 84 2.58 3.63 -2.53
N ASP C 85 1.35 3.87 -2.97
CA ASP C 85 0.24 4.10 -2.04
C ASP C 85 0.04 2.88 -1.13
N ARG C 86 0.07 1.69 -1.71
CA ARG C 86 -0.01 0.40 -0.95
C ARG C 86 1.10 0.35 0.11
N GLU C 87 2.35 0.53 -0.34
CA GLU C 87 3.53 0.35 0.55
C GLU C 87 3.49 1.37 1.69
N LEU C 88 3.00 2.59 1.42
CA LEU C 88 2.96 3.66 2.47
C LEU C 88 1.94 3.25 3.52
N ALA C 89 0.77 2.78 3.08
CA ALA C 89 -0.28 2.29 3.98
C ALA C 89 0.30 1.16 4.86
N ALA C 90 1.03 0.23 4.26
CA ALA C 90 1.56 -0.96 4.94
C ALA C 90 2.62 -0.54 5.97
N ALA C 91 3.47 0.42 5.65
CA ALA C 91 4.53 0.89 6.59
C ALA C 91 3.82 1.38 7.86
N TYR C 92 2.79 2.20 7.71
CA TYR C 92 2.04 2.72 8.89
C TYR C 92 1.36 1.61 9.70
N ARG C 93 0.75 0.64 9.01
N ARG C 93 0.77 0.62 9.03
CA ARG C 93 0.13 -0.54 9.69
CA ARG C 93 0.12 -0.52 9.72
C ARG C 93 1.18 -1.22 10.57
C ARG C 93 1.17 -1.27 10.55
N GLU C 94 2.40 -1.39 10.05
CA GLU C 94 3.49 -2.06 10.82
C GLU C 94 3.91 -1.17 11.99
N VAL C 95 3.88 0.15 11.85
CA VAL C 95 4.17 1.06 13.01
C VAL C 95 3.10 0.80 14.08
N ALA C 96 1.83 0.74 13.71
CA ALA C 96 0.74 0.54 14.70
C ALA C 96 0.94 -0.78 15.42
N LYS C 97 1.35 -1.84 14.71
CA LYS C 97 1.62 -3.15 15.35
C LYS C 97 2.79 -3.00 16.34
N GLU C 98 3.86 -2.33 15.93
CA GLU C 98 5.07 -2.19 16.79
C GLU C 98 4.75 -1.36 18.03
N VAL C 99 4.02 -0.25 17.89
CA VAL C 99 3.63 0.56 19.09
C VAL C 99 2.81 -0.31 20.04
N THR C 100 1.88 -1.11 19.53
CA THR C 100 0.97 -1.94 20.34
C THR C 100 1.84 -3.00 21.07
N ARG C 101 2.74 -3.62 20.33
CA ARG C 101 3.62 -4.69 20.90
C ARG C 101 4.39 -4.11 22.09
N LEU C 102 4.91 -2.92 21.95
CA LEU C 102 5.81 -2.32 22.96
C LEU C 102 5.04 -1.92 24.23
N GLY C 103 3.73 -1.72 24.17
CA GLY C 103 2.95 -1.33 25.37
C GLY C 103 3.13 0.13 25.76
N VAL C 104 3.74 0.96 24.92
CA VAL C 104 3.99 2.40 25.18
C VAL C 104 2.67 3.19 25.28
N ASN C 105 2.67 4.28 26.05
CA ASN C 105 1.50 5.18 26.15
C ASN C 105 1.63 6.37 25.19
N SER C 106 2.75 6.51 24.49
CA SER C 106 3.00 7.63 23.57
C SER C 106 4.07 7.25 22.56
N VAL C 107 4.03 7.93 21.42
CA VAL C 107 4.91 7.72 20.25
C VAL C 107 5.08 9.05 19.51
N ALA C 108 6.32 9.36 19.12
CA ALA C 108 6.73 10.47 18.27
C ALA C 108 6.87 9.91 16.85
N ILE C 109 6.14 10.50 15.90
N ILE C 109 6.24 10.55 15.87
CA ILE C 109 6.07 10.02 14.48
CA ILE C 109 6.17 9.97 14.50
C ILE C 109 6.36 11.18 13.52
C ILE C 109 6.25 11.08 13.47
N PRO C 110 7.10 10.92 12.42
CA PRO C 110 7.15 11.87 11.30
C PRO C 110 6.18 11.40 10.20
N LEU C 111 5.89 12.25 9.23
CA LEU C 111 5.05 11.82 8.07
C LEU C 111 5.97 11.12 7.07
N LEU C 112 5.77 9.82 6.93
CA LEU C 112 6.58 8.94 6.06
C LEU C 112 6.39 9.37 4.60
N SER C 113 7.47 9.26 3.84
CA SER C 113 7.48 9.44 2.37
C SER C 113 7.17 10.89 2.01
N THR C 114 7.48 11.90 2.86
CA THR C 114 7.16 13.32 2.55
C THR C 114 8.40 14.18 2.31
N GLY C 115 9.60 13.65 2.47
CA GLY C 115 10.81 14.49 2.29
C GLY C 115 11.53 14.03 1.04
N VAL C 116 12.73 13.48 1.20
CA VAL C 116 13.57 12.96 0.08
C VAL C 116 12.90 11.75 -0.59
N TYR C 117 11.91 11.10 0.04
CA TYR C 117 11.17 9.94 -0.52
C TYR C 117 9.86 10.39 -1.18
N SER C 118 9.59 11.69 -1.27
CA SER C 118 8.32 12.25 -1.82
C SER C 118 8.23 12.21 -3.36
N GLY C 119 9.32 11.95 -4.07
CA GLY C 119 9.37 12.07 -5.54
C GLY C 119 9.01 13.46 -6.02
N GLY C 120 9.26 14.49 -5.20
CA GLY C 120 9.01 15.92 -5.47
C GLY C 120 7.56 16.36 -5.44
N LYS C 121 6.66 15.54 -4.85
CA LYS C 121 5.21 15.86 -4.71
C LYS C 121 4.90 16.22 -3.26
N ASP C 122 3.89 17.08 -3.06
CA ASP C 122 3.35 17.39 -1.72
C ASP C 122 2.50 16.19 -1.28
N ARG C 123 2.97 15.42 -0.27
CA ARG C 123 2.24 14.22 0.22
C ARG C 123 1.74 14.38 1.67
N LEU C 124 1.52 15.60 2.15
CA LEU C 124 1.03 15.80 3.54
C LEU C 124 -0.29 15.04 3.77
N THR C 125 -1.32 15.32 2.95
CA THR C 125 -2.65 14.72 3.13
C THR C 125 -2.57 13.20 2.98
N GLN C 126 -1.91 12.72 1.93
CA GLN C 126 -1.79 11.27 1.66
C GLN C 126 -1.16 10.59 2.88
N SER C 127 0.00 11.10 3.29
CA SER C 127 0.78 10.47 4.39
C SER C 127 -0.04 10.51 5.68
N LEU C 128 -0.60 11.68 6.00
CA LEU C 128 -1.39 11.86 7.24
C LEU C 128 -2.63 10.97 7.23
N ASN C 129 -3.32 10.82 6.08
CA ASN C 129 -4.48 9.90 5.97
C ASN C 129 -4.03 8.47 6.31
N HIS C 130 -2.90 8.00 5.76
CA HIS C 130 -2.45 6.63 6.07
C HIS C 130 -2.08 6.52 7.55
N LEU C 131 -1.50 7.57 8.13
CA LEU C 131 -1.14 7.57 9.57
C LEU C 131 -2.41 7.39 10.39
N PHE C 132 -3.45 8.16 10.13
CA PHE C 132 -4.72 8.03 10.89
C PHE C 132 -5.33 6.63 10.69
N THR C 133 -5.36 6.10 9.45
CA THR C 133 -5.96 4.79 9.16
C THR C 133 -5.33 3.73 10.09
N ALA C 134 -4.00 3.79 10.27
CA ALA C 134 -3.24 2.79 11.05
C ALA C 134 -3.36 3.08 12.55
N MET C 135 -3.26 4.34 12.94
CA MET C 135 -3.08 4.70 14.40
C MET C 135 -4.43 4.91 15.09
N ASP C 136 -5.55 5.08 14.37
CA ASP C 136 -6.81 5.41 15.06
C ASP C 136 -7.21 4.29 16.03
N SER C 137 -6.91 3.00 15.74
CA SER C 137 -7.31 1.87 16.59
C SER C 137 -6.32 1.62 17.74
N THR C 138 -5.24 2.38 17.82
CA THR C 138 -4.29 2.36 18.98
C THR C 138 -4.68 3.33 20.07
N ASP C 139 -4.25 3.05 21.29
CA ASP C 139 -4.57 3.89 22.47
C ASP C 139 -3.35 4.69 22.92
N ALA C 140 -2.29 4.77 22.13
CA ALA C 140 -1.12 5.62 22.47
C ALA C 140 -1.43 7.08 22.17
N ASP C 141 -0.89 8.02 22.94
CA ASP C 141 -0.81 9.43 22.51
C ASP C 141 0.15 9.50 21.31
N VAL C 142 -0.30 10.06 20.20
CA VAL C 142 0.54 10.20 19.00
C VAL C 142 0.91 11.66 18.86
N VAL C 143 2.20 11.93 18.75
CA VAL C 143 2.75 13.29 18.54
C VAL C 143 3.47 13.31 17.20
N ILE C 144 2.99 14.10 16.25
CA ILE C 144 3.56 14.19 14.88
C ILE C 144 4.58 15.32 14.87
N TYR C 145 5.79 15.09 14.36
CA TYR C 145 6.87 16.09 14.31
C TYR C 145 7.02 16.58 12.87
N CYS C 146 7.15 17.88 12.70
CA CYS C 146 7.38 18.48 11.38
C CYS C 146 8.39 19.62 11.56
N ARG C 147 8.88 20.15 10.43
CA ARG C 147 10.08 21.04 10.37
C ARG C 147 9.71 22.42 9.81
N ASP C 148 8.62 22.54 9.04
CA ASP C 148 8.23 23.77 8.32
C ASP C 148 6.86 24.22 8.81
N LYS C 149 6.61 25.53 8.81
CA LYS C 149 5.49 26.17 9.57
C LYS C 149 4.12 25.96 8.90
N GLU C 150 4.05 25.93 7.56
CA GLU C 150 2.75 25.73 6.86
C GLU C 150 2.28 24.28 7.08
N TRP C 151 3.20 23.32 7.12
CA TRP C 151 2.88 21.89 7.41
C TRP C 151 2.28 21.79 8.81
N GLU C 152 2.86 22.49 9.79
CA GLU C 152 2.32 22.47 11.17
C GLU C 152 0.83 22.88 11.17
N LYS C 153 0.52 23.97 10.46
CA LYS C 153 -0.84 24.56 10.35
C LYS C 153 -1.81 23.53 9.75
N LYS C 154 -1.47 22.96 8.59
CA LYS C 154 -2.32 21.98 7.85
C LYS C 154 -2.54 20.75 8.74
N ILE C 155 -1.47 20.18 9.31
CA ILE C 155 -1.60 18.97 10.18
C ILE C 155 -2.54 19.28 11.36
N SER C 156 -2.35 20.42 12.02
CA SER C 156 -3.19 20.86 13.16
C SER C 156 -4.65 20.97 12.72
N GLU C 157 -4.91 21.59 11.56
CA GLU C 157 -6.28 21.73 10.99
C GLU C 157 -6.92 20.34 10.86
N ALA C 158 -6.20 19.40 10.25
CA ALA C 158 -6.66 18.01 9.99
C ALA C 158 -7.01 17.29 11.29
N ILE C 159 -6.21 17.43 12.34
CA ILE C 159 -6.43 16.78 13.67
C ILE C 159 -7.70 17.41 14.26
N GLN C 160 -7.79 18.73 14.21
CA GLN C 160 -8.91 19.46 14.85
C GLN C 160 -10.20 19.20 14.08
N MET C 161 -10.16 19.05 12.75
CA MET C 161 -11.36 18.70 11.91
C MET C 161 -12.16 17.58 12.56
N ARG C 162 -11.52 16.58 13.18
CA ARG C 162 -12.18 15.29 13.54
C ARG C 162 -12.61 15.26 15.01
N THR C 163 -12.20 16.25 15.81
CA THR C 163 -12.61 16.40 17.24
C THR C 163 -13.88 17.25 17.28
N PRO D 5 -28.31 -13.99 34.75
CA PRO D 5 -28.74 -13.16 33.62
C PRO D 5 -29.31 -13.98 32.47
N SER D 6 -30.41 -13.52 31.87
N SER D 6 -30.37 -13.49 31.82
CA SER D 6 -31.01 -14.06 30.62
CA SER D 6 -31.01 -14.10 30.63
C SER D 6 -30.11 -13.64 29.45
C SER D 6 -30.35 -13.57 29.35
N TYR D 7 -30.10 -14.45 28.38
CA TYR D 7 -29.48 -14.10 27.09
C TYR D 7 -30.46 -14.36 25.96
N ARG D 8 -30.56 -13.38 25.04
CA ARG D 8 -31.26 -13.48 23.74
C ARG D 8 -30.37 -12.90 22.65
N VAL D 9 -30.71 -13.17 21.40
CA VAL D 9 -30.05 -12.57 20.21
C VAL D 9 -31.11 -11.99 19.29
N LYS D 10 -30.82 -10.84 18.67
CA LYS D 10 -31.66 -10.21 17.64
C LYS D 10 -30.76 -9.90 16.44
N ARG D 11 -31.26 -10.19 15.25
CA ARG D 11 -30.64 -9.77 13.97
C ARG D 11 -31.27 -8.44 13.61
N MET D 12 -30.65 -7.34 14.06
CA MET D 12 -31.16 -5.99 13.78
C MET D 12 -30.13 -4.97 14.27
N ASP D 13 -30.32 -3.72 13.85
CA ASP D 13 -29.38 -2.60 14.14
C ASP D 13 -29.47 -2.26 15.64
N ILE D 14 -28.34 -2.35 16.34
CA ILE D 14 -28.29 -2.10 17.81
C ILE D 14 -28.73 -0.66 18.09
N ALA D 15 -28.67 0.22 17.10
CA ALA D 15 -29.09 1.64 17.24
C ALA D 15 -30.61 1.70 17.43
N LYS D 16 -31.32 0.60 17.14
CA LYS D 16 -32.78 0.50 17.36
C LYS D 16 -33.13 -0.50 18.47
N ASN D 17 -32.26 -0.70 19.44
CA ASN D 17 -32.50 -1.69 20.51
C ASN D 17 -33.68 -1.33 21.43
N ASP D 18 -34.20 -2.32 22.14
CA ASP D 18 -35.35 -2.19 23.07
C ASP D 18 -34.85 -2.39 24.49
N GLU D 19 -33.59 -2.08 24.81
CA GLU D 19 -33.06 -2.26 26.18
C GLU D 19 -32.73 -0.92 26.86
N GLU D 20 -32.46 -0.96 28.16
CA GLU D 20 -32.29 0.27 29.01
C GLU D 20 -30.96 0.97 28.74
N CYS D 21 -30.00 0.31 28.11
CA CYS D 21 -28.69 0.90 27.79
C CYS D 21 -28.07 0.12 26.65
N VAL D 22 -27.03 0.72 26.06
CA VAL D 22 -26.35 0.13 24.89
C VAL D 22 -24.84 0.12 25.16
N VAL D 23 -24.22 -0.92 24.64
CA VAL D 23 -22.73 -1.02 24.55
C VAL D 23 -22.31 -0.69 23.13
N ASN D 24 -21.44 0.30 23.04
CA ASN D 24 -20.84 0.69 21.76
C ASN D 24 -19.55 -0.12 21.56
N ALA D 25 -19.34 -0.63 20.36
CA ALA D 25 -18.04 -1.22 19.94
C ALA D 25 -17.14 -0.05 19.52
N ALA D 26 -16.57 0.61 20.51
CA ALA D 26 -15.91 1.91 20.36
C ALA D 26 -14.45 1.79 19.86
N ASN D 27 -13.91 2.87 19.37
CA ASN D 27 -12.45 3.02 19.19
C ASN D 27 -11.88 3.81 20.38
N PRO D 28 -10.56 3.71 20.64
CA PRO D 28 -9.99 4.33 21.83
C PRO D 28 -10.04 5.86 21.82
N ARG D 29 -10.25 6.45 20.65
CA ARG D 29 -10.12 7.93 20.46
C ARG D 29 -11.47 8.64 20.56
N GLY D 30 -12.57 7.91 20.66
CA GLY D 30 -13.91 8.52 20.68
C GLY D 30 -14.32 9.09 19.34
N LEU D 31 -13.76 8.56 18.24
CA LEU D 31 -14.11 8.96 16.86
C LEU D 31 -15.41 8.30 16.43
N PRO D 32 -16.15 8.91 15.49
CA PRO D 32 -17.36 8.30 14.93
C PRO D 32 -17.17 6.89 14.37
N GLY D 33 -16.04 6.66 13.69
CA GLY D 33 -15.67 5.29 13.33
C GLY D 33 -16.52 4.73 12.19
N ASP D 34 -16.70 3.41 12.17
CA ASP D 34 -17.53 2.70 11.16
C ASP D 34 -18.25 1.53 11.84
N GLY D 35 -19.08 0.82 11.08
CA GLY D 35 -19.90 -0.29 11.58
C GLY D 35 -20.79 0.16 12.73
N VAL D 36 -20.83 -0.65 13.80
CA VAL D 36 -21.66 -0.40 15.02
C VAL D 36 -21.36 1.02 15.53
N CYS D 37 -20.09 1.40 15.60
CA CYS D 37 -19.65 2.67 16.19
C CYS D 37 -20.30 3.82 15.40
N LYS D 38 -20.36 3.71 14.07
CA LYS D 38 -20.90 4.81 13.22
C LYS D 38 -22.42 4.91 13.46
N ALA D 39 -23.09 3.79 13.67
CA ALA D 39 -24.57 3.75 13.89
C ALA D 39 -24.90 4.39 15.24
N VAL D 40 -24.08 4.09 16.24
CA VAL D 40 -24.18 4.62 17.63
C VAL D 40 -23.94 6.14 17.53
N TYR D 41 -22.95 6.58 16.74
CA TYR D 41 -22.64 8.03 16.59
C TYR D 41 -23.86 8.75 15.98
N LYS D 42 -24.51 8.17 14.99
CA LYS D 42 -25.69 8.83 14.37
C LYS D 42 -26.84 8.90 15.36
N LYS D 43 -27.04 7.88 16.19
CA LYS D 43 -28.23 7.75 17.07
C LYS D 43 -28.00 8.55 18.36
N TRP D 44 -26.80 8.51 18.93
CA TRP D 44 -26.50 9.09 20.27
C TRP D 44 -25.22 9.92 20.20
N PRO D 45 -25.13 10.93 19.30
CA PRO D 45 -23.88 11.69 19.15
C PRO D 45 -23.41 12.41 20.42
N GLU D 46 -24.35 12.84 21.29
CA GLU D 46 -23.99 13.53 22.55
C GLU D 46 -23.15 12.62 23.43
N SER D 47 -23.28 11.28 23.28
CA SER D 47 -22.56 10.32 24.16
C SER D 47 -21.07 10.24 23.80
N PHE D 48 -20.63 10.94 22.75
CA PHE D 48 -19.19 10.92 22.36
C PHE D 48 -18.41 12.07 23.02
N LYS D 49 -19.03 12.80 23.95
CA LYS D 49 -18.32 13.88 24.69
C LYS D 49 -17.35 13.22 25.68
N ASN D 50 -16.05 13.33 25.43
CA ASN D 50 -15.02 12.75 26.34
C ASN D 50 -15.28 11.24 26.49
N SER D 51 -15.55 10.55 25.38
CA SER D 51 -15.75 9.08 25.37
C SER D 51 -14.41 8.32 25.16
N ALA D 52 -13.34 9.00 24.82
CA ALA D 52 -12.04 8.36 24.57
C ALA D 52 -11.63 7.58 25.80
N THR D 53 -11.13 6.36 25.60
CA THR D 53 -10.75 5.49 26.74
C THR D 53 -9.81 4.43 26.17
N PRO D 54 -8.90 3.87 26.97
CA PRO D 54 -7.95 2.93 26.41
C PRO D 54 -8.58 1.58 26.04
N VAL D 55 -7.79 0.83 25.27
CA VAL D 55 -8.12 -0.58 24.93
C VAL D 55 -8.36 -1.37 26.22
N GLY D 56 -9.35 -2.25 26.24
CA GLY D 56 -9.70 -3.09 27.39
C GLY D 56 -10.49 -2.40 28.49
N THR D 57 -11.01 -1.19 28.24
CA THR D 57 -11.77 -0.40 29.22
C THR D 57 -13.16 -0.09 28.67
N ALA D 58 -14.03 0.32 29.59
CA ALA D 58 -15.38 0.80 29.21
C ALA D 58 -15.59 2.17 29.84
N LYS D 59 -16.21 3.08 29.11
CA LYS D 59 -16.52 4.41 29.69
C LYS D 59 -17.97 4.76 29.32
N THR D 60 -18.78 5.01 30.34
CA THR D 60 -20.23 5.32 30.18
C THR D 60 -20.43 6.84 30.02
N VAL D 61 -21.09 7.25 28.94
CA VAL D 61 -21.54 8.65 28.74
C VAL D 61 -23.04 8.63 28.45
N MET D 62 -23.78 9.49 29.12
CA MET D 62 -25.24 9.60 28.93
C MET D 62 -25.55 10.37 27.64
N CYS D 63 -26.60 9.94 26.95
CA CYS D 63 -27.25 10.72 25.87
C CYS D 63 -28.66 11.04 26.38
N GLY D 64 -28.85 12.22 26.96
CA GLY D 64 -30.02 12.48 27.81
C GLY D 64 -29.89 11.70 29.09
N THR D 65 -30.78 10.72 29.34
CA THR D 65 -30.66 9.79 30.48
C THR D 65 -30.35 8.36 29.99
N TYR D 66 -30.09 8.19 28.70
CA TYR D 66 -29.85 6.86 28.09
C TYR D 66 -28.34 6.59 28.12
N PRO D 67 -27.87 5.54 28.86
CA PRO D 67 -26.44 5.27 28.97
C PRO D 67 -25.87 4.57 27.75
N VAL D 68 -24.75 5.08 27.29
CA VAL D 68 -23.96 4.49 26.19
C VAL D 68 -22.63 4.06 26.82
N ILE D 69 -22.39 2.74 26.88
CA ILE D 69 -21.19 2.15 27.52
C ILE D 69 -20.21 1.94 26.37
N HIS D 70 -19.24 2.84 26.22
CA HIS D 70 -18.25 2.73 25.13
C HIS D 70 -17.20 1.71 25.54
N ALA D 71 -17.22 0.54 24.93
CA ALA D 71 -16.27 -0.54 25.27
C ALA D 71 -15.24 -0.70 24.15
N VAL D 72 -13.95 -0.67 24.49
CA VAL D 72 -12.86 -0.68 23.48
C VAL D 72 -12.22 -2.07 23.40
N GLY D 73 -12.68 -2.89 22.48
CA GLY D 73 -12.03 -4.19 22.24
C GLY D 73 -10.74 -3.96 21.50
N PRO D 74 -9.79 -4.92 21.56
CA PRO D 74 -8.56 -4.79 20.81
C PRO D 74 -8.75 -4.97 19.31
N ASN D 75 -7.92 -4.30 18.54
CA ASN D 75 -7.81 -4.54 17.08
C ASN D 75 -6.79 -5.64 16.86
N PHE D 76 -7.25 -6.83 16.47
CA PHE D 76 -6.33 -7.97 16.23
C PHE D 76 -5.42 -7.74 15.01
N SER D 77 -5.58 -6.71 14.21
CA SER D 77 -4.52 -6.30 13.27
C SER D 77 -3.28 -5.81 14.03
N ASN D 78 -3.43 -5.30 15.26
CA ASN D 78 -2.34 -4.63 16.02
C ASN D 78 -1.80 -5.56 17.09
N TYR D 79 -2.67 -6.34 17.75
CA TYR D 79 -2.36 -7.15 18.93
C TYR D 79 -2.04 -8.56 18.45
N THR D 80 -1.14 -9.22 19.17
CA THR D 80 -1.00 -10.69 19.08
C THR D 80 -2.26 -11.39 19.54
N GLU D 81 -2.44 -12.65 19.10
CA GLU D 81 -3.56 -13.46 19.63
C GLU D 81 -3.55 -13.47 21.17
N SER D 82 -2.39 -13.69 21.80
CA SER D 82 -2.27 -13.79 23.26
C SER D 82 -2.64 -12.45 23.94
N GLU D 83 -2.03 -11.34 23.52
CA GLU D 83 -2.28 -10.04 24.23
C GLU D 83 -3.71 -9.59 23.91
N GLY D 84 -4.17 -9.78 22.68
CA GLY D 84 -5.55 -9.42 22.30
C GLY D 84 -6.58 -10.18 23.10
N ASP D 85 -6.38 -11.49 23.28
CA ASP D 85 -7.34 -12.32 24.06
C ASP D 85 -7.55 -11.72 25.45
N ARG D 86 -6.46 -11.30 26.11
CA ARG D 86 -6.51 -10.72 27.48
C ARG D 86 -7.30 -9.41 27.44
N GLU D 87 -7.04 -8.56 26.45
CA GLU D 87 -7.71 -7.23 26.35
C GLU D 87 -9.20 -7.41 26.00
N LEU D 88 -9.56 -8.45 25.24
CA LEU D 88 -10.98 -8.69 24.88
C LEU D 88 -11.72 -9.12 26.15
N ALA D 89 -11.14 -10.02 26.96
CA ALA D 89 -11.70 -10.43 28.26
C ALA D 89 -11.87 -9.17 29.12
N ALA D 90 -10.88 -8.28 29.15
CA ALA D 90 -10.90 -7.09 30.05
C ALA D 90 -12.04 -6.16 29.61
N ALA D 91 -12.18 -5.91 28.33
CA ALA D 91 -13.27 -5.01 27.82
C ALA D 91 -14.63 -5.50 28.32
N TYR D 92 -14.93 -6.79 28.17
CA TYR D 92 -16.21 -7.33 28.65
C TYR D 92 -16.34 -7.27 30.18
N ARG D 93 -15.26 -7.57 30.91
CA ARG D 93 -15.22 -7.44 32.39
C ARG D 93 -15.64 -6.02 32.79
N GLU D 94 -15.11 -5.00 32.13
CA GLU D 94 -15.41 -3.58 32.45
C GLU D 94 -16.86 -3.22 32.04
N VAL D 95 -17.36 -3.76 30.93
CA VAL D 95 -18.80 -3.61 30.55
C VAL D 95 -19.69 -4.17 31.69
N ALA D 96 -19.40 -5.37 32.19
CA ALA D 96 -20.20 -6.04 33.26
C ALA D 96 -20.22 -5.14 34.50
N LYS D 97 -19.07 -4.56 34.88
CA LYS D 97 -18.97 -3.66 36.06
C LYS D 97 -19.89 -2.45 35.83
N GLU D 98 -19.87 -1.85 34.64
CA GLU D 98 -20.73 -0.66 34.32
C GLU D 98 -22.22 -1.03 34.37
N VAL D 99 -22.61 -2.17 33.81
CA VAL D 99 -24.05 -2.61 33.80
C VAL D 99 -24.52 -2.71 35.27
N THR D 100 -23.72 -3.37 36.11
CA THR D 100 -24.04 -3.55 37.56
C THR D 100 -24.16 -2.17 38.22
N ARG D 101 -23.20 -1.28 37.99
CA ARG D 101 -23.12 0.03 38.69
C ARG D 101 -24.34 0.88 38.29
N LEU D 102 -24.78 0.78 37.04
CA LEU D 102 -25.90 1.61 36.53
C LEU D 102 -27.25 1.07 37.03
N GLY D 103 -27.30 -0.18 37.48
CA GLY D 103 -28.54 -0.80 38.05
C GLY D 103 -29.60 -1.06 37.00
N VAL D 104 -29.21 -1.19 35.73
CA VAL D 104 -30.17 -1.39 34.63
C VAL D 104 -30.74 -2.82 34.70
N ASN D 105 -31.93 -2.98 34.15
CA ASN D 105 -32.62 -4.29 34.04
C ASN D 105 -32.18 -5.00 32.75
N SER D 106 -31.67 -4.28 31.75
CA SER D 106 -31.39 -4.86 30.42
C SER D 106 -30.28 -4.08 29.72
N VAL D 107 -29.60 -4.74 28.78
CA VAL D 107 -28.46 -4.13 28.03
C VAL D 107 -28.41 -4.77 26.65
N ALA D 108 -28.23 -3.92 25.64
CA ALA D 108 -27.99 -4.27 24.24
C ALA D 108 -26.48 -4.31 24.04
N ILE D 109 -25.94 -5.41 23.51
N ILE D 109 -25.94 -5.45 23.58
CA ILE D 109 -24.47 -5.62 23.42
CA ILE D 109 -24.48 -5.65 23.40
C ILE D 109 -24.09 -6.25 22.08
C ILE D 109 -24.17 -6.18 22.00
N PRO D 110 -23.07 -5.71 21.37
CA PRO D 110 -22.55 -6.32 20.16
C PRO D 110 -21.38 -7.25 20.52
N LEU D 111 -20.96 -8.08 19.58
CA LEU D 111 -19.76 -8.94 19.80
C LEU D 111 -18.51 -8.12 19.45
N LEU D 112 -17.79 -7.74 20.49
CA LEU D 112 -16.61 -6.88 20.39
C LEU D 112 -15.53 -7.60 19.59
N SER D 113 -14.82 -6.86 18.78
CA SER D 113 -13.60 -7.32 18.04
C SER D 113 -13.97 -8.34 16.94
N THR D 114 -15.23 -8.41 16.48
CA THR D 114 -15.67 -9.39 15.43
C THR D 114 -15.84 -8.78 14.05
N GLY D 115 -15.74 -7.45 13.93
CA GLY D 115 -15.87 -6.72 12.66
C GLY D 115 -14.52 -6.28 12.15
N VAL D 116 -14.32 -4.98 11.96
CA VAL D 116 -13.06 -4.44 11.38
C VAL D 116 -11.91 -4.59 12.40
N TYR D 117 -12.19 -4.97 13.66
CA TYR D 117 -11.08 -5.26 14.62
C TYR D 117 -10.75 -6.76 14.71
N SER D 118 -11.30 -7.58 13.79
CA SER D 118 -11.19 -9.05 13.80
C SER D 118 -9.82 -9.54 13.30
N GLY D 119 -9.08 -8.68 12.59
CA GLY D 119 -7.82 -9.05 11.92
C GLY D 119 -8.06 -10.09 10.84
N GLY D 120 -9.26 -10.07 10.23
CA GLY D 120 -9.65 -10.97 9.13
C GLY D 120 -10.04 -12.38 9.57
N LYS D 121 -10.18 -12.63 10.88
CA LYS D 121 -10.51 -13.96 11.44
C LYS D 121 -11.95 -13.95 11.94
N ASP D 122 -12.56 -15.13 11.92
CA ASP D 122 -13.89 -15.39 12.53
C ASP D 122 -13.70 -15.54 14.03
N ARG D 123 -14.17 -14.55 14.81
CA ARG D 123 -14.05 -14.48 16.28
C ARG D 123 -15.42 -14.57 16.98
N LEU D 124 -16.44 -15.17 16.36
CA LEU D 124 -17.77 -15.31 17.01
C LEU D 124 -17.63 -16.07 18.34
N THR D 125 -17.09 -17.31 18.33
CA THR D 125 -17.02 -18.15 19.54
C THR D 125 -16.16 -17.45 20.60
N GLN D 126 -15.04 -16.91 20.18
CA GLN D 126 -14.08 -16.27 21.11
C GLN D 126 -14.76 -15.08 21.79
N SER D 127 -15.33 -14.19 20.96
CA SER D 127 -15.99 -12.98 21.53
C SER D 127 -17.18 -13.35 22.41
N LEU D 128 -18.05 -14.28 21.98
CA LEU D 128 -19.23 -14.71 22.77
C LEU D 128 -18.80 -15.39 24.06
N ASN D 129 -17.71 -16.17 24.06
CA ASN D 129 -17.25 -16.82 25.30
C ASN D 129 -16.83 -15.78 26.34
N HIS D 130 -16.08 -14.75 25.95
CA HIS D 130 -15.71 -13.64 26.89
C HIS D 130 -16.97 -12.88 27.35
N LEU D 131 -17.91 -12.64 26.45
CA LEU D 131 -19.22 -11.99 26.79
C LEU D 131 -19.93 -12.80 27.90
N PHE D 132 -20.09 -14.12 27.73
CA PHE D 132 -20.81 -14.94 28.74
C PHE D 132 -20.06 -14.86 30.08
N THR D 133 -18.74 -15.05 30.04
CA THR D 133 -17.93 -15.09 31.27
C THR D 133 -18.13 -13.82 32.08
N ALA D 134 -18.13 -12.66 31.42
CA ALA D 134 -18.26 -11.36 32.11
C ALA D 134 -19.71 -11.15 32.54
N MET D 135 -20.66 -11.36 31.64
CA MET D 135 -22.05 -10.92 31.87
C MET D 135 -22.75 -11.91 32.82
N ASP D 136 -22.22 -13.14 32.99
CA ASP D 136 -22.78 -14.09 33.97
C ASP D 136 -22.73 -13.52 35.39
N SER D 137 -21.89 -12.52 35.67
CA SER D 137 -21.72 -11.91 37.01
C SER D 137 -22.77 -10.82 37.24
N THR D 138 -23.59 -10.50 36.22
CA THR D 138 -24.69 -9.49 36.35
C THR D 138 -26.04 -10.20 36.54
N ASP D 139 -27.11 -9.45 36.84
CA ASP D 139 -28.48 -10.05 36.82
C ASP D 139 -29.34 -9.42 35.71
N ALA D 140 -28.72 -8.76 34.72
CA ALA D 140 -29.44 -8.05 33.64
C ALA D 140 -29.89 -9.04 32.58
N ASP D 141 -31.02 -8.72 31.93
CA ASP D 141 -31.38 -9.29 30.61
C ASP D 141 -30.38 -8.77 29.59
N VAL D 142 -29.65 -9.67 28.92
CA VAL D 142 -28.63 -9.32 27.91
C VAL D 142 -29.20 -9.67 26.56
N VAL D 143 -29.19 -8.73 25.63
CA VAL D 143 -29.65 -8.92 24.24
C VAL D 143 -28.49 -8.62 23.31
N ILE D 144 -28.04 -9.65 22.62
CA ILE D 144 -26.90 -9.59 21.66
C ILE D 144 -27.43 -9.21 20.30
N TYR D 145 -26.80 -8.24 19.66
CA TYR D 145 -27.22 -7.72 18.34
C TYR D 145 -26.19 -8.18 17.27
N CYS D 146 -26.67 -8.78 16.18
CA CYS D 146 -25.85 -9.18 15.00
C CYS D 146 -26.58 -8.77 13.72
N ARG D 147 -25.93 -8.87 12.57
CA ARG D 147 -26.52 -8.43 11.28
C ARG D 147 -26.70 -9.62 10.35
N ASP D 148 -26.07 -10.75 10.64
CA ASP D 148 -25.97 -11.90 9.70
C ASP D 148 -26.81 -13.09 10.20
N LYS D 149 -27.53 -13.77 9.30
CA LYS D 149 -28.45 -14.87 9.68
C LYS D 149 -27.64 -16.07 10.19
N GLU D 150 -26.49 -16.36 9.58
CA GLU D 150 -25.62 -17.48 10.05
C GLU D 150 -25.08 -17.12 11.44
N TRP D 151 -24.70 -15.86 11.68
CA TRP D 151 -24.24 -15.43 13.03
C TRP D 151 -25.39 -15.53 14.04
N GLU D 152 -26.61 -15.09 13.67
CA GLU D 152 -27.80 -15.21 14.55
C GLU D 152 -27.98 -16.66 14.98
N LYS D 153 -27.93 -17.60 14.02
CA LYS D 153 -28.15 -19.04 14.28
C LYS D 153 -27.13 -19.56 15.30
N LYS D 154 -25.84 -19.28 15.08
CA LYS D 154 -24.70 -19.80 15.89
C LYS D 154 -24.77 -19.19 17.30
N ILE D 155 -25.05 -17.87 17.41
CA ILE D 155 -25.22 -17.21 18.74
C ILE D 155 -26.38 -17.89 19.47
N SER D 156 -27.50 -18.10 18.79
CA SER D 156 -28.70 -18.76 19.37
C SER D 156 -28.34 -20.17 19.87
N GLU D 157 -27.64 -20.94 19.05
CA GLU D 157 -27.20 -22.33 19.42
C GLU D 157 -26.33 -22.26 20.68
N ALA D 158 -25.40 -21.31 20.77
CA ALA D 158 -24.47 -21.21 21.92
C ALA D 158 -25.26 -20.88 23.19
N ILE D 159 -26.26 -20.02 23.09
CA ILE D 159 -27.12 -19.65 24.25
C ILE D 159 -27.84 -20.93 24.72
N GLN D 160 -28.47 -21.63 23.78
CA GLN D 160 -29.29 -22.86 24.01
C GLN D 160 -28.45 -23.92 24.74
N MET D 161 -27.21 -24.13 24.30
CA MET D 161 -26.34 -25.28 24.71
C MET D 161 -25.96 -25.16 26.19
N ARG D 162 -25.93 -23.95 26.75
CA ARG D 162 -25.40 -23.68 28.12
C ARG D 162 -26.55 -23.59 29.13
N THR D 163 -27.78 -23.92 28.71
CA THR D 163 -29.02 -23.82 29.55
C THR D 163 -29.18 -25.09 30.39
S DMS E . -1.65 -6.98 -5.44
O DMS E . -2.78 -6.11 -4.81
C1 DMS E . -1.79 -6.81 -7.14
C2 DMS E . -2.24 -8.66 -5.36
C TRS F . -27.82 6.42 -18.72
C1 TRS F . -26.67 7.32 -19.15
C2 TRS F . -27.77 6.13 -17.21
C3 TRS F . -29.16 7.07 -19.07
N TRS F . -27.71 5.11 -19.45
O1 TRS F . -26.62 7.55 -20.57
O2 TRS F . -28.00 7.29 -16.43
O3 TRS F . -30.21 6.12 -19.17
S DMS G . -14.44 9.66 -4.41
O DMS G . -13.59 10.36 -5.43
C1 DMS G . -14.05 7.95 -4.55
C2 DMS G . -16.07 9.57 -5.11
S DMS H . -11.16 -3.49 -23.50
O DMS H . -11.85 -2.44 -22.59
C1 DMS H . -10.89 -4.93 -22.51
C2 DMS H . -9.46 -2.95 -23.59
S DMS I . 2.38 7.19 -28.40
O DMS I . 2.83 7.51 -27.06
C1 DMS I . 3.76 6.30 -29.13
C2 DMS I . 2.38 8.69 -29.39
CL CL J . -14.83 -4.09 -23.38
CL CL K . 2.42 -6.17 -19.06
N1 URA L . -15.15 -4.73 -20.08
C2 URA L . -14.20 -5.56 -19.54
O2 URA L . -13.00 -5.46 -19.81
N3 URA L . -14.67 -6.45 -18.61
C4 URA L . -15.96 -6.52 -18.12
O4 URA L . -16.22 -7.29 -17.20
C5 URA L . -16.88 -5.58 -18.71
C6 URA L . -16.44 -4.74 -19.67
N1 URA M . -7.25 -3.46 -26.99
C2 URA M . -6.30 -4.12 -27.72
O2 URA M . -5.10 -3.79 -27.70
N3 URA M . -6.75 -5.17 -28.47
C4 URA M . -8.06 -5.61 -28.54
O4 URA M . -8.33 -6.58 -29.25
C5 URA M . -9.00 -4.87 -27.75
C6 URA M . -8.56 -3.82 -27.00
S DMS N . 20.15 -14.48 -10.92
O DMS N . 20.37 -13.38 -11.93
C1 DMS N . 18.48 -14.34 -10.37
C2 DMS N . 20.96 -13.97 -9.42
S DMS O . 16.56 -15.44 -16.68
O DMS O . 15.56 -14.66 -17.49
C1 DMS O . 18.16 -15.01 -17.30
C2 DMS O . 16.49 -17.07 -17.36
S DMS P . 22.29 -18.02 -5.59
O DMS P . 23.18 -16.95 -6.15
C1 DMS P . 22.66 -18.11 -3.86
C2 DMS P . 23.01 -19.57 -6.07
CL CL Q . 21.92 -14.38 -4.54
CL CL R . 21.15 -16.25 -14.25
S DMS S . 10.27 13.05 6.59
O DMS S . 10.14 11.59 6.93
C1 DMS S . 9.82 13.95 8.05
C2 DMS S . 12.00 13.42 6.57
CL CL T . 11.14 10.80 3.52
S DMS U . 24.09 12.17 21.64
O DMS U . 23.44 10.87 21.22
C1 DMS U . 22.87 13.44 21.52
C2 DMS U . 25.13 12.69 20.28
S DMS V . 15.24 9.02 4.16
O DMS V . 14.46 7.83 4.66
C1 DMS V . 16.95 8.67 4.52
C2 DMS V . 15.00 10.31 5.34
S DMS W . -5.06 0.50 1.65
O DMS W . -3.97 0.90 0.69
C1 DMS W . -4.59 -1.08 2.29
C2 DMS W . -6.42 -0.04 0.65
N1 URA X . 8.03 17.93 6.62
C2 URA X . 8.02 19.29 6.56
O2 URA X . 7.90 19.99 7.57
N3 URA X . 8.16 19.83 5.31
C4 URA X . 8.29 19.12 4.13
O4 URA X . 8.36 19.72 3.07
C5 URA X . 8.31 17.69 4.29
C6 URA X . 8.18 17.15 5.51
S DMS Y . -18.58 -6.07 15.44
O DMS Y . -18.82 -5.17 14.25
C1 DMS Y . -20.13 -6.86 15.76
C2 DMS Y . -18.57 -4.99 16.84
C TRS Z . -5.13 -1.69 30.02
C1 TRS Z . -3.72 -1.27 30.40
C2 TRS Z . -5.44 -3.07 30.57
C3 TRS Z . -6.16 -0.67 30.51
N TRS Z . -5.20 -1.73 28.50
O1 TRS Z . -2.73 -2.01 29.69
O2 TRS Z . -6.70 -3.56 30.13
O3 TRS Z . -5.59 0.62 30.72
S DMS AA . -31.54 10.33 15.18
O DMS AA . -31.34 8.80 15.10
C1 DMS AA . -30.50 11.02 13.91
C2 DMS AA . -30.65 10.88 16.63
S DMS BA . -14.46 0.60 15.00
O DMS BA . -14.86 2.03 15.26
C1 DMS BA . -15.92 -0.25 14.45
C2 DMS BA . -14.29 -0.20 16.57
S DMS CA . -21.90 8.13 34.27
O DMS CA . -22.71 6.87 34.23
C1 DMS CA . -22.07 8.87 32.66
C2 DMS CA . -20.19 7.64 34.14
CL CL DA . -22.86 -10.22 12.38
CL CL EA . -15.11 -4.65 15.67
#